data_2NY7
#
_entry.id   2NY7
#
_cell.length_a   101.955
_cell.length_b   101.955
_cell.length_c   298.294
_cell.angle_alpha   90.00
_cell.angle_beta   90.00
_cell.angle_gamma   120.00
#
_symmetry.space_group_name_H-M   'P 65 2 2'
#
loop_
_entity.id
_entity.type
_entity.pdbx_description
1 polymer 'ENVELOPE GLYCOPROTEIN GP120'
2 polymer 'ANTIBODY b12, HEAVY CHAIN'
3 polymer 'ANTIBODY b12, LIGHT CHAIN'
4 non-polymer 2-acetamido-2-deoxy-beta-D-glucopyranose
5 water water
#
loop_
_entity_poly.entity_id
_entity_poly.type
_entity_poly.pdbx_seq_one_letter_code
_entity_poly.pdbx_strand_id
1 'polypeptide(L)'
;EVVLVNVTENFNWCKNDMVEQMHEDICSLWDQSLKPCVKLTPLCVGAGSCNTSVITQACPKVSFEPIPIHYCAPAGFAIL
KCNNKTFNGTGPCTNVSTVQCTHGIRPVVSSQLLLNGSLAEEEVVIRSCNFTDNAKTIIVQLNTSVEINCTGAGHCNIAR
AKWNNTLKQIASKLREQFGNNKTIIFKQSSGGDPEIVTHWFNCGGEFFYCNSTQLFNSTWFNSTWSTEGSNNTEGSDTIT
LPCRIKQIINMWCKVGKMMYAPPISGQIRCSSNITGLLLTRDGGNSNNESEIFRPGGGDMRDNWRSELYKYKVVKIE
;
G
2 'polypeptide(L)'
;QVQLVQSGAEVKKPGASVKVSCQASGYRFSNFVIHWVRQAPGQRFEWMGWINPYNGNKEFSAKFQDRVTFTADTSANTAY
MELRSLRSADTAVYYCARVGPYSWDDSPQDNYYMDVWGKGTTVIVSSASTKGPSVFPLAPSSKSTSGGTAALGCLVKDYF
PEPVTVSWNSGALTSGVHTFPAVLQSSGLYSLSSVVTVPSSSLGTQTYICNVNHKPSNTKVDKKAEPKSC
;
H
3 'polypeptide(L)'
;EIVLTQSPGTLSLSPGERATFSCRSSHSIRSRRVAWYQHKPGQAPRLVIHGVSNRASGISDRFSGSGSGTDFTLTITRVE
PEDFALYYCQVYGASSYTFGQGTKLERKRTVAAPSVFIFPPSDEQLKSGTASVVCLLNNFYPREAKVQWKVDNALQSGNS
QESVTEQDSKDSTYSLSSTLTLSKADYEKHKVYACEVTHQGLRSPVTKSFNRGEC
;
L
#
loop_
_chem_comp.id
_chem_comp.type
_chem_comp.name
_chem_comp.formula
NAG D-saccharide, beta linking 2-acetamido-2-deoxy-beta-D-glucopyranose 'C8 H15 N O6'
#
# COMPACT_ATOMS: atom_id res chain seq x y z
N GLU A 1 -0.76 -50.26 6.22
CA GLU A 1 -2.17 -49.80 6.20
C GLU A 1 -2.96 -50.35 7.40
N VAL A 2 -2.39 -51.35 8.07
CA VAL A 2 -3.03 -51.96 9.24
C VAL A 2 -2.90 -51.07 10.47
N VAL A 3 -3.66 -51.38 11.52
CA VAL A 3 -3.69 -50.55 12.71
C VAL A 3 -3.59 -51.36 14.00
N LEU A 4 -2.68 -50.97 14.88
CA LEU A 4 -2.57 -51.57 16.21
C LEU A 4 -2.15 -50.53 17.25
N VAL A 5 -2.43 -50.82 18.52
CA VAL A 5 -2.19 -49.87 19.60
C VAL A 5 -1.03 -50.27 20.51
N ASN A 6 -1.10 -49.83 21.76
CA ASN A 6 -0.06 -50.08 22.75
C ASN A 6 1.22 -49.28 22.49
N VAL A 7 1.06 -48.18 21.74
CA VAL A 7 2.18 -47.27 21.46
C VAL A 7 1.65 -45.84 21.27
N THR A 8 2.03 -44.95 22.19
CA THR A 8 1.55 -43.58 22.17
C THR A 8 2.51 -42.67 21.39
N GLU A 9 1.93 -41.70 20.68
CA GLU A 9 2.71 -40.74 19.91
C GLU A 9 2.10 -39.35 20.01
N ASN A 10 2.96 -38.34 20.17
CA ASN A 10 2.51 -36.96 20.28
C ASN A 10 2.23 -36.29 18.94
N PHE A 11 1.11 -35.57 18.87
CA PHE A 11 0.69 -34.89 17.66
C PHE A 11 0.57 -33.39 17.89
N ASN A 12 0.79 -32.62 16.83
CA ASN A 12 0.59 -31.18 16.88
C ASN A 12 0.34 -30.61 15.48
N TRP A 13 -0.92 -30.60 15.08
CA TRP A 13 -1.32 -30.20 13.73
C TRP A 13 -0.91 -28.77 13.37
N CYS A 14 -0.38 -28.04 14.35
CA CYS A 14 0.04 -26.66 14.14
C CYS A 14 1.50 -26.57 13.72
N LYS A 15 2.38 -27.07 14.58
CA LYS A 15 3.81 -27.10 14.29
C LYS A 15 4.07 -27.95 13.04
N ASN A 16 3.25 -29.00 12.87
CA ASN A 16 3.40 -29.92 11.75
C ASN A 16 2.31 -29.74 10.69
N ASP A 17 2.15 -28.50 10.23
CA ASP A 17 1.17 -28.20 9.18
C ASP A 17 1.59 -28.89 7.88
N MET A 18 0.80 -29.88 7.45
CA MET A 18 1.22 -30.70 6.32
C MET A 18 0.64 -30.29 4.98
N VAL A 19 -0.10 -29.18 4.94
CA VAL A 19 -0.43 -28.59 3.65
C VAL A 19 0.73 -27.70 3.26
N GLU A 20 1.59 -27.43 4.25
CA GLU A 20 2.80 -26.64 4.04
C GLU A 20 3.82 -27.43 3.22
N GLN A 21 3.55 -28.71 3.00
CA GLN A 21 4.39 -29.54 2.15
C GLN A 21 3.56 -30.18 1.03
N MET A 22 2.59 -29.42 0.53
CA MET A 22 1.74 -29.83 -0.59
C MET A 22 1.66 -28.71 -1.62
N HIS A 23 2.80 -28.07 -1.89
CA HIS A 23 2.84 -26.87 -2.72
C HIS A 23 3.24 -27.12 -4.18
N GLU A 24 2.53 -28.04 -4.83
CA GLU A 24 2.76 -28.31 -6.26
C GLU A 24 1.86 -27.41 -7.12
N ASP A 25 2.28 -27.20 -8.37
CA ASP A 25 1.57 -26.27 -9.26
C ASP A 25 0.13 -26.69 -9.54
N ILE A 26 -0.71 -25.70 -9.84
CA ILE A 26 -2.13 -25.92 -10.04
C ILE A 26 -2.41 -26.89 -11.19
N CYS A 27 -1.52 -26.92 -12.17
CA CYS A 27 -1.73 -27.75 -13.36
C CYS A 27 -1.62 -29.25 -13.09
N SER A 28 -1.25 -29.61 -11.86
CA SER A 28 -1.15 -31.02 -11.49
C SER A 28 -2.29 -31.43 -10.56
N LEU A 29 -3.12 -30.48 -10.16
CA LEU A 29 -4.32 -30.79 -9.39
C LEU A 29 -5.48 -31.12 -10.33
N TRP A 30 -5.25 -30.86 -11.61
CA TRP A 30 -6.25 -31.13 -12.64
C TRP A 30 -5.65 -31.98 -13.75
N ASP A 31 -6.39 -32.98 -14.20
CA ASP A 31 -6.00 -33.74 -15.37
C ASP A 31 -7.03 -33.54 -16.46
N GLN A 32 -6.59 -33.63 -17.71
CA GLN A 32 -7.48 -33.49 -18.84
C GLN A 32 -8.39 -34.70 -18.92
N SER A 33 -9.70 -34.46 -18.91
CA SER A 33 -10.67 -35.56 -18.91
C SER A 33 -10.90 -36.12 -20.30
N LEU A 34 -10.94 -37.45 -20.39
CA LEU A 34 -11.16 -38.13 -21.66
C LEU A 34 -12.61 -38.61 -21.78
N LYS A 35 -13.44 -38.23 -20.82
CA LYS A 35 -14.86 -38.57 -20.83
C LYS A 35 -15.48 -38.28 -22.19
N PRO A 36 -15.89 -39.33 -22.91
CA PRO A 36 -16.53 -39.14 -24.20
C PRO A 36 -17.69 -38.16 -24.08
N CYS A 37 -17.48 -36.94 -24.57
CA CYS A 37 -18.50 -35.89 -24.49
C CYS A 37 -19.72 -36.25 -25.34
N VAL A 38 -19.59 -37.33 -26.11
CA VAL A 38 -20.69 -37.83 -26.94
C VAL A 38 -21.74 -38.52 -26.08
N ALA A 58 -22.52 -27.43 -27.86
CA ALA A 58 -22.85 -28.40 -26.82
C ALA A 58 -21.62 -28.77 -25.99
N CYS A 59 -20.58 -29.25 -26.64
CA CYS A 59 -19.38 -29.73 -25.96
C CYS A 59 -18.23 -28.73 -25.98
N PRO A 60 -17.42 -28.72 -24.91
CA PRO A 60 -16.15 -28.00 -24.92
C PRO A 60 -15.04 -28.88 -25.49
N LYS A 61 -14.10 -28.27 -26.19
CA LYS A 61 -13.00 -28.99 -26.82
C LYS A 61 -12.23 -29.82 -25.80
N VAL A 62 -11.75 -29.17 -24.74
CA VAL A 62 -11.08 -29.88 -23.65
C VAL A 62 -11.80 -29.62 -22.33
N SER A 63 -11.85 -30.65 -21.48
CA SER A 63 -12.46 -30.50 -20.16
C SER A 63 -11.53 -31.01 -19.07
N PHE A 64 -11.72 -30.49 -17.86
CA PHE A 64 -10.85 -30.82 -16.74
C PHE A 64 -11.61 -31.41 -15.55
N GLU A 65 -11.00 -32.39 -14.91
CA GLU A 65 -11.54 -32.97 -13.68
C GLU A 65 -10.58 -32.77 -12.53
N PRO A 66 -11.11 -32.43 -11.34
CA PRO A 66 -10.27 -32.30 -10.17
C PRO A 66 -9.91 -33.67 -9.59
N ILE A 67 -8.66 -33.83 -9.18
CA ILE A 67 -8.24 -35.03 -8.48
C ILE A 67 -8.26 -34.76 -6.97
N PRO A 68 -8.93 -35.63 -6.20
CA PRO A 68 -9.08 -35.43 -4.76
C PRO A 68 -7.76 -35.10 -4.10
N ILE A 69 -7.75 -34.09 -3.23
CA ILE A 69 -6.52 -33.67 -2.58
C ILE A 69 -6.11 -34.67 -1.50
N HIS A 70 -4.86 -35.09 -1.56
CA HIS A 70 -4.34 -36.05 -0.61
C HIS A 70 -2.82 -35.92 -0.56
N TYR A 71 -2.22 -36.48 0.49
CA TYR A 71 -0.77 -36.45 0.62
C TYR A 71 -0.23 -37.86 0.81
N CYS A 72 0.78 -38.21 0.03
CA CYS A 72 1.44 -39.49 0.16
C CYS A 72 2.85 -39.30 0.68
N ALA A 73 3.26 -40.16 1.61
CA ALA A 73 4.58 -40.07 2.22
C ALA A 73 5.67 -40.51 1.26
N PRO A 74 6.68 -39.66 1.05
CA PRO A 74 7.83 -40.00 0.22
C PRO A 74 8.63 -41.14 0.84
N ALA A 75 9.50 -41.76 0.04
CA ALA A 75 10.32 -42.86 0.52
C ALA A 75 11.16 -42.44 1.73
N GLY A 76 11.27 -43.34 2.71
CA GLY A 76 12.02 -43.05 3.93
C GLY A 76 11.17 -42.39 4.99
N PHE A 77 9.93 -42.06 4.64
CA PHE A 77 9.00 -41.42 5.58
C PHE A 77 7.66 -42.15 5.60
N ALA A 78 6.96 -42.06 6.73
CA ALA A 78 5.63 -42.64 6.87
C ALA A 78 4.67 -41.65 7.53
N ILE A 79 3.38 -41.78 7.23
CA ILE A 79 2.38 -40.92 7.84
C ILE A 79 1.69 -41.62 9.02
N LEU A 80 1.72 -40.98 10.18
CA LEU A 80 1.03 -41.48 11.35
C LEU A 80 -0.39 -40.92 11.38
N LYS A 81 -1.38 -41.80 11.54
CA LYS A 81 -2.78 -41.39 11.56
C LYS A 81 -3.42 -41.67 12.91
N CYS A 82 -3.83 -40.61 13.60
CA CYS A 82 -4.51 -40.72 14.89
C CYS A 82 -5.97 -41.14 14.67
N ASN A 83 -6.33 -42.30 15.20
CA ASN A 83 -7.67 -42.85 15.02
C ASN A 83 -8.64 -42.53 16.15
N ASN A 84 -8.23 -41.66 17.06
CA ASN A 84 -9.13 -41.17 18.12
C ASN A 84 -10.12 -40.17 17.54
N LYS A 85 -11.38 -40.58 17.42
CA LYS A 85 -12.42 -39.76 16.80
C LYS A 85 -12.45 -38.33 17.34
N THR A 86 -12.75 -38.20 18.63
CA THR A 86 -12.75 -36.88 19.28
C THR A 86 -11.32 -36.48 19.64
N PHE A 87 -10.73 -35.63 18.80
CA PHE A 87 -9.33 -35.24 18.95
C PHE A 87 -9.09 -33.84 18.38
N ASN A 88 -8.68 -32.92 19.26
CA ASN A 88 -8.50 -31.52 18.87
C ASN A 88 -7.36 -31.27 17.89
N GLY A 89 -6.58 -32.31 17.60
CA GLY A 89 -5.48 -32.21 16.66
C GLY A 89 -4.12 -32.12 17.33
N THR A 90 -4.12 -31.75 18.61
CA THR A 90 -2.87 -31.60 19.35
C THR A 90 -2.87 -32.44 20.63
N GLY A 91 -1.69 -32.61 21.23
CA GLY A 91 -1.54 -33.44 22.41
C GLY A 91 -1.19 -34.87 22.05
N PRO A 92 -1.33 -35.79 23.01
CA PRO A 92 -1.03 -37.20 22.80
C PRO A 92 -2.14 -37.96 22.09
N CYS A 93 -1.81 -39.10 21.51
CA CYS A 93 -2.76 -39.94 20.81
C CYS A 93 -2.39 -41.41 20.99
N THR A 94 -3.32 -42.19 21.55
CA THR A 94 -3.06 -43.60 21.84
C THR A 94 -3.31 -44.49 20.63
N ASN A 95 -4.48 -44.35 20.02
CA ASN A 95 -4.84 -45.14 18.85
C ASN A 95 -4.23 -44.57 17.56
N VAL A 96 -3.10 -45.12 17.15
CA VAL A 96 -2.37 -44.64 15.98
C VAL A 96 -2.31 -45.72 14.89
N SER A 97 -2.05 -45.29 13.66
CA SER A 97 -1.90 -46.23 12.55
C SER A 97 -0.91 -45.67 11.52
N THR A 98 -0.41 -46.56 10.66
CA THR A 98 0.56 -46.17 9.63
C THR A 98 -0.05 -46.28 8.23
N VAL A 99 0.00 -45.17 7.50
CA VAL A 99 -0.44 -45.15 6.11
C VAL A 99 0.61 -44.44 5.27
N GLN A 100 0.54 -44.60 3.96
CA GLN A 100 1.44 -43.87 3.09
C GLN A 100 0.77 -42.63 2.52
N CYS A 101 -0.55 -42.64 2.49
CA CYS A 101 -1.33 -41.52 1.96
C CYS A 101 -2.47 -41.11 2.89
N THR A 102 -2.76 -39.82 2.92
CA THR A 102 -3.92 -39.30 3.66
C THR A 102 -5.16 -39.49 2.81
N HIS A 103 -6.33 -39.31 3.40
CA HIS A 103 -7.58 -39.52 2.67
C HIS A 103 -7.91 -38.34 1.76
N GLY A 104 -8.42 -38.67 0.57
CA GLY A 104 -8.72 -37.67 -0.44
C GLY A 104 -9.69 -36.61 0.05
N ILE A 105 -9.42 -35.37 -0.32
CA ILE A 105 -10.24 -34.24 0.08
C ILE A 105 -11.05 -33.74 -1.10
N ARG A 106 -12.37 -33.72 -0.94
CA ARG A 106 -13.29 -33.30 -1.99
C ARG A 106 -14.45 -32.55 -1.36
N PRO A 107 -14.77 -31.35 -1.88
CA PRO A 107 -14.18 -30.70 -3.04
C PRO A 107 -12.82 -30.06 -2.77
N VAL A 108 -12.07 -29.82 -3.85
CA VAL A 108 -10.69 -29.34 -3.77
C VAL A 108 -10.59 -27.89 -3.31
N VAL A 109 -11.60 -27.08 -3.62
CA VAL A 109 -11.70 -25.74 -3.04
C VAL A 109 -13.03 -25.58 -2.33
N SER A 110 -13.01 -24.83 -1.23
CA SER A 110 -14.19 -24.56 -0.44
C SER A 110 -13.86 -23.45 0.54
N SER A 111 -14.39 -22.25 0.30
CA SER A 111 -13.91 -21.06 1.01
C SER A 111 -14.50 -20.87 2.41
N GLN A 112 -15.76 -21.25 2.60
CA GLN A 112 -16.47 -20.95 3.85
C GLN A 112 -17.09 -22.19 4.49
N LEU A 113 -18.08 -22.78 3.80
CA LEU A 113 -18.67 -24.02 4.27
C LEU A 113 -17.76 -25.19 3.91
N LEU A 114 -17.84 -26.27 4.68
CA LEU A 114 -17.10 -27.48 4.36
C LEU A 114 -18.07 -28.58 3.98
N LEU A 115 -17.91 -29.13 2.78
CA LEU A 115 -18.88 -30.08 2.24
C LEU A 115 -18.30 -31.48 2.10
N ASN A 116 -19.17 -32.48 2.23
CA ASN A 116 -18.80 -33.89 2.03
C ASN A 116 -17.65 -34.39 2.90
N GLY A 117 -17.40 -33.68 4.00
CA GLY A 117 -16.34 -34.09 4.93
C GLY A 117 -16.80 -35.21 5.85
N SER A 118 -16.01 -35.47 6.87
CA SER A 118 -16.36 -36.48 7.86
C SER A 118 -17.08 -35.83 9.03
N LEU A 119 -18.21 -36.43 9.43
CA LEU A 119 -19.01 -35.90 10.53
C LEU A 119 -18.42 -36.26 11.90
N ALA A 120 -18.70 -35.43 12.89
CA ALA A 120 -18.18 -35.63 14.24
C ALA A 120 -19.00 -36.67 14.99
N GLU A 121 -18.32 -37.45 15.83
CA GLU A 121 -18.96 -38.51 16.61
C GLU A 121 -19.74 -37.91 17.78
N GLU A 122 -21.07 -37.96 17.67
CA GLU A 122 -21.98 -37.51 18.73
C GLU A 122 -21.92 -36.01 19.08
N GLU A 123 -20.75 -35.38 18.94
CA GLU A 123 -20.58 -33.99 19.37
C GLU A 123 -20.15 -33.04 18.25
N VAL A 124 -20.70 -31.83 18.24
CA VAL A 124 -20.21 -30.78 17.36
C VAL A 124 -18.87 -30.30 17.89
N VAL A 125 -17.84 -30.37 17.07
CA VAL A 125 -16.49 -30.07 17.50
C VAL A 125 -15.92 -28.86 16.76
N ILE A 126 -15.31 -27.95 17.51
CA ILE A 126 -14.59 -26.83 16.92
C ILE A 126 -13.12 -26.90 17.34
N ARG A 127 -12.22 -26.50 16.46
CA ARG A 127 -10.81 -26.52 16.79
C ARG A 127 -10.05 -25.37 16.16
N SER A 128 -8.93 -25.02 16.79
CA SER A 128 -8.07 -23.96 16.32
C SER A 128 -6.69 -24.22 16.87
N CYS A 129 -5.68 -23.63 16.23
CA CYS A 129 -4.32 -23.74 16.72
C CYS A 129 -4.14 -22.91 17.99
N ASN A 130 -4.92 -21.83 18.09
CA ASN A 130 -4.92 -20.96 19.24
C ASN A 130 -6.18 -20.11 19.24
N PHE A 131 -7.16 -20.51 20.05
CA PHE A 131 -8.45 -19.83 20.11
C PHE A 131 -8.32 -18.36 20.51
N THR A 132 -7.34 -18.08 21.38
CA THR A 132 -7.12 -16.73 21.89
C THR A 132 -6.52 -15.83 20.83
N ASP A 133 -5.90 -16.44 19.82
CA ASP A 133 -5.31 -15.71 18.72
C ASP A 133 -6.32 -15.61 17.58
N ASN A 134 -6.86 -14.41 17.37
CA ASN A 134 -7.91 -14.23 16.37
C ASN A 134 -7.41 -14.43 14.94
N ALA A 135 -6.09 -14.45 14.77
CA ALA A 135 -5.47 -14.68 13.47
C ALA A 135 -5.66 -16.13 12.98
N LYS A 136 -5.79 -17.07 13.91
CA LYS A 136 -5.96 -18.49 13.56
C LYS A 136 -7.40 -18.81 13.19
N THR A 137 -7.58 -19.67 12.20
CA THR A 137 -8.90 -20.07 11.74
C THR A 137 -9.56 -21.03 12.72
N ILE A 138 -10.87 -20.86 12.91
CA ILE A 138 -11.64 -21.80 13.70
C ILE A 138 -12.33 -22.76 12.73
N ILE A 139 -12.04 -24.05 12.89
CA ILE A 139 -12.61 -25.07 12.02
C ILE A 139 -13.71 -25.80 12.79
N VAL A 140 -14.92 -25.75 12.25
CA VAL A 140 -16.07 -26.39 12.87
C VAL A 140 -16.41 -27.69 12.18
N GLN A 141 -16.71 -28.71 12.98
CA GLN A 141 -17.11 -30.01 12.46
C GLN A 141 -18.45 -30.39 13.05
N LEU A 142 -19.46 -30.52 12.21
CA LEU A 142 -20.82 -30.81 12.67
C LEU A 142 -21.02 -32.29 12.94
N ASN A 143 -22.12 -32.62 13.60
CA ASN A 143 -22.47 -34.02 13.83
C ASN A 143 -23.74 -34.40 13.08
N THR A 144 -24.46 -33.39 12.61
CA THR A 144 -25.66 -33.58 11.80
C THR A 144 -25.48 -32.81 10.50
N SER A 145 -25.41 -33.53 9.38
CA SER A 145 -25.15 -32.90 8.10
C SER A 145 -26.35 -32.10 7.58
N VAL A 146 -26.05 -30.96 6.96
CA VAL A 146 -27.08 -30.13 6.35
C VAL A 146 -26.90 -30.19 4.84
N GLU A 147 -27.96 -30.56 4.13
CA GLU A 147 -27.88 -30.67 2.68
C GLU A 147 -27.86 -29.29 2.01
N ILE A 148 -27.09 -29.18 0.93
CA ILE A 148 -27.06 -27.98 0.12
C ILE A 148 -27.22 -28.35 -1.36
N ASN A 149 -28.41 -28.14 -1.91
CA ASN A 149 -28.69 -28.46 -3.31
C ASN A 149 -28.55 -27.23 -4.21
N CYS A 150 -27.61 -27.30 -5.14
CA CYS A 150 -27.39 -26.19 -6.09
C CYS A 150 -27.75 -26.60 -7.51
N THR A 151 -28.29 -25.65 -8.27
CA THR A 151 -28.70 -25.92 -9.65
C THR A 151 -28.05 -24.95 -10.62
N GLY A 152 -28.33 -25.14 -11.91
CA GLY A 152 -27.77 -24.29 -12.96
C GLY A 152 -28.41 -22.91 -12.97
N ALA A 153 -29.66 -22.84 -12.54
CA ALA A 153 -30.42 -21.59 -12.53
C ALA A 153 -29.75 -20.52 -11.67
N GLY A 154 -28.69 -20.90 -10.96
CA GLY A 154 -27.88 -19.95 -10.21
C GLY A 154 -28.31 -19.74 -8.77
N HIS A 155 -28.58 -20.84 -8.07
CA HIS A 155 -28.95 -20.75 -6.66
C HIS A 155 -28.73 -22.05 -5.89
N CYS A 156 -28.38 -21.92 -4.62
CA CYS A 156 -28.29 -23.07 -3.73
C CYS A 156 -29.39 -22.99 -2.69
N ASN A 157 -29.93 -24.14 -2.31
CA ASN A 157 -30.98 -24.19 -1.30
C ASN A 157 -30.58 -24.95 -0.05
N ILE A 158 -30.93 -24.38 1.10
CA ILE A 158 -30.64 -24.99 2.40
C ILE A 158 -31.87 -24.82 3.31
N ALA A 159 -32.27 -25.88 3.99
CA ALA A 159 -33.41 -25.80 4.89
C ALA A 159 -33.14 -24.80 6.02
N ARG A 160 -34.04 -23.84 6.19
CA ARG A 160 -33.85 -22.77 7.18
C ARG A 160 -33.85 -23.33 8.60
N ALA A 161 -34.75 -24.27 8.87
CA ALA A 161 -34.85 -24.88 10.18
C ALA A 161 -33.57 -25.62 10.57
N LYS A 162 -32.98 -26.32 9.60
CA LYS A 162 -31.77 -27.09 9.85
C LYS A 162 -30.55 -26.19 10.02
N TRP A 163 -30.45 -25.16 9.18
CA TRP A 163 -29.36 -24.21 9.32
C TRP A 163 -29.48 -23.47 10.66
N ASN A 164 -30.70 -23.09 11.01
CA ASN A 164 -30.97 -22.41 12.27
C ASN A 164 -30.48 -23.21 13.48
N ASN A 165 -30.81 -24.50 13.53
CA ASN A 165 -30.34 -25.38 14.60
C ASN A 165 -28.83 -25.57 14.57
N THR A 166 -28.27 -25.63 13.37
CA THR A 166 -26.83 -25.73 13.19
C THR A 166 -26.13 -24.55 13.88
N LEU A 167 -26.52 -23.33 13.53
CA LEU A 167 -25.94 -22.14 14.14
C LEU A 167 -26.09 -22.17 15.67
N LYS A 168 -27.25 -22.60 16.15
CA LYS A 168 -27.52 -22.69 17.58
C LYS A 168 -26.54 -23.63 18.28
N GLN A 169 -26.17 -24.72 17.60
CA GLN A 169 -25.22 -25.69 18.15
C GLN A 169 -23.78 -25.15 18.06
N ILE A 170 -23.47 -24.46 16.98
CA ILE A 170 -22.15 -23.87 16.79
C ILE A 170 -21.90 -22.74 17.79
N ALA A 171 -22.86 -21.82 17.90
CA ALA A 171 -22.79 -20.74 18.87
C ALA A 171 -22.65 -21.27 20.29
N SER A 172 -23.25 -22.43 20.55
CA SER A 172 -23.20 -23.05 21.85
C SER A 172 -21.78 -23.54 22.18
N LYS A 173 -21.11 -24.13 21.19
CA LYS A 173 -19.73 -24.57 21.35
C LYS A 173 -18.78 -23.38 21.46
N LEU A 174 -18.98 -22.37 20.62
CA LEU A 174 -18.14 -21.18 20.65
C LEU A 174 -18.19 -20.52 22.03
N ARG A 175 -19.40 -20.37 22.57
CA ARG A 175 -19.57 -19.88 23.94
C ARG A 175 -18.76 -20.73 24.92
N GLU A 176 -18.91 -22.03 24.80
CA GLU A 176 -18.23 -22.97 25.69
C GLU A 176 -16.73 -22.72 25.65
N GLN A 177 -16.24 -22.22 24.51
CA GLN A 177 -14.83 -21.94 24.32
C GLN A 177 -14.45 -20.53 24.77
N PHE A 178 -15.34 -19.57 24.57
CA PHE A 178 -15.03 -18.17 24.85
C PHE A 178 -15.71 -17.60 26.09
N GLY A 179 -16.49 -18.42 26.78
CA GLY A 179 -17.20 -17.99 28.00
C GLY A 179 -18.71 -18.08 27.86
N ASN A 180 -19.36 -18.58 28.91
CA ASN A 180 -20.80 -18.88 28.86
C ASN A 180 -21.73 -17.67 28.74
N ASN A 181 -21.23 -16.49 29.13
CA ASN A 181 -22.06 -15.28 29.02
C ASN A 181 -21.67 -14.39 27.85
N LYS A 182 -21.06 -14.99 26.82
CA LYS A 182 -20.74 -14.28 25.60
C LYS A 182 -21.89 -14.39 24.61
N THR A 183 -22.27 -13.25 24.04
CA THR A 183 -23.21 -13.24 22.93
C THR A 183 -22.45 -13.62 21.67
N ILE A 184 -22.98 -14.56 20.90
CA ILE A 184 -22.31 -15.01 19.70
C ILE A 184 -22.98 -14.41 18.48
N ILE A 185 -22.23 -13.59 17.75
CA ILE A 185 -22.76 -12.91 16.57
C ILE A 185 -22.13 -13.42 15.29
N PHE A 186 -22.97 -13.77 14.33
CA PHE A 186 -22.49 -14.15 13.00
C PHE A 186 -22.70 -13.00 12.01
N LYS A 187 -21.61 -12.59 11.36
CA LYS A 187 -21.64 -11.53 10.37
C LYS A 187 -21.05 -12.00 9.04
N GLN A 188 -21.35 -11.26 7.98
CA GLN A 188 -20.90 -11.63 6.64
C GLN A 188 -19.38 -11.45 6.52
N SER A 189 -18.78 -12.18 5.59
CA SER A 189 -17.37 -12.10 5.31
C SER A 189 -16.95 -10.68 4.91
N SER A 190 -15.70 -10.33 5.18
CA SER A 190 -15.13 -9.08 4.70
C SER A 190 -13.80 -9.38 4.01
N GLY A 191 -13.63 -8.87 2.79
CA GLY A 191 -12.47 -9.23 1.97
C GLY A 191 -12.43 -8.52 0.63
N GLY A 192 -11.35 -8.75 -0.12
CA GLY A 192 -11.14 -8.02 -1.38
C GLY A 192 -11.29 -8.86 -2.64
N ASP A 193 -11.78 -10.08 -2.49
CA ASP A 193 -12.03 -10.96 -3.64
C ASP A 193 -13.24 -11.88 -3.41
N PRO A 194 -13.94 -12.22 -4.51
CA PRO A 194 -15.11 -13.11 -4.42
C PRO A 194 -14.75 -14.50 -3.88
N GLU A 195 -13.52 -14.94 -4.10
CA GLU A 195 -13.07 -16.24 -3.62
C GLU A 195 -13.07 -16.29 -2.10
N ILE A 196 -13.00 -15.12 -1.48
CA ILE A 196 -12.98 -15.00 -0.03
C ILE A 196 -14.37 -14.68 0.50
N VAL A 197 -14.99 -13.66 -0.12
CA VAL A 197 -16.26 -13.10 0.32
C VAL A 197 -17.46 -14.04 0.16
N THR A 198 -17.50 -14.76 -0.95
CA THR A 198 -18.59 -15.69 -1.22
C THR A 198 -18.18 -17.08 -0.74
N HIS A 199 -19.15 -17.95 -0.50
CA HIS A 199 -18.81 -19.35 -0.34
C HIS A 199 -18.47 -19.89 -1.71
N TRP A 200 -17.20 -20.18 -1.91
CA TRP A 200 -16.69 -20.54 -3.22
C TRP A 200 -16.24 -21.99 -3.18
N PHE A 201 -16.90 -22.83 -3.99
CA PHE A 201 -16.57 -24.25 -4.02
C PHE A 201 -16.73 -24.82 -5.41
N ASN A 202 -16.09 -25.96 -5.67
CA ASN A 202 -16.23 -26.63 -6.94
C ASN A 202 -16.94 -27.97 -6.82
N CYS A 203 -17.92 -28.19 -7.70
CA CYS A 203 -18.58 -29.46 -7.81
C CYS A 203 -18.14 -30.01 -9.15
N GLY A 204 -17.05 -30.77 -9.15
CA GLY A 204 -16.40 -31.18 -10.40
C GLY A 204 -15.63 -30.02 -11.00
N GLY A 205 -15.91 -29.71 -12.27
CA GLY A 205 -15.24 -28.62 -12.96
C GLY A 205 -16.04 -27.33 -12.94
N GLU A 206 -17.21 -27.37 -12.32
CA GLU A 206 -18.04 -26.19 -12.19
C GLU A 206 -17.80 -25.56 -10.83
N PHE A 207 -17.50 -24.27 -10.83
CA PHE A 207 -17.24 -23.52 -9.60
C PHE A 207 -18.42 -22.64 -9.25
N PHE A 208 -18.87 -22.74 -8.00
CA PHE A 208 -19.99 -21.94 -7.54
C PHE A 208 -19.50 -20.83 -6.63
N TYR A 209 -19.89 -19.59 -6.95
CA TYR A 209 -19.67 -18.46 -6.05
C TYR A 209 -21.00 -18.08 -5.45
N CYS A 210 -21.23 -18.46 -4.20
CA CYS A 210 -22.54 -18.26 -3.57
C CYS A 210 -22.55 -17.17 -2.50
N ASN A 211 -23.46 -16.21 -2.66
CA ASN A 211 -23.62 -15.13 -1.68
C ASN A 211 -24.14 -15.73 -0.39
N SER A 212 -23.32 -15.72 0.64
CA SER A 212 -23.64 -16.40 1.89
C SER A 212 -24.11 -15.46 3.00
N THR A 213 -24.41 -14.22 2.64
CA THR A 213 -24.86 -13.25 3.63
C THR A 213 -26.03 -13.77 4.47
N GLN A 214 -26.94 -14.50 3.83
CA GLN A 214 -28.15 -15.00 4.49
C GLN A 214 -27.86 -16.07 5.54
N LEU A 215 -26.77 -16.81 5.35
CA LEU A 215 -26.38 -17.84 6.30
C LEU A 215 -25.70 -17.27 7.55
N PHE A 216 -25.12 -16.08 7.42
CA PHE A 216 -24.32 -15.49 8.49
C PHE A 216 -24.75 -14.07 8.81
N ASN A 217 -25.89 -13.96 9.49
CA ASN A 217 -26.55 -12.69 9.76
C ASN A 217 -27.48 -12.83 10.96
N SER A 218 -26.93 -13.32 12.07
CA SER A 218 -27.71 -13.55 13.29
C SER A 218 -26.86 -13.38 14.54
N THR A 219 -27.50 -13.07 15.66
CA THR A 219 -26.81 -13.02 16.94
C THR A 219 -27.50 -13.94 17.93
N TRP A 220 -26.71 -14.57 18.79
CA TRP A 220 -27.21 -15.61 19.67
C TRP A 220 -26.90 -15.34 21.13
N PHE A 221 -27.92 -15.47 21.98
CA PHE A 221 -27.78 -15.35 23.42
C PHE A 221 -27.42 -13.94 23.90
N ASN A 222 -28.18 -12.93 23.47
CA ASN A 222 -27.93 -11.58 23.97
C ASN A 222 -28.87 -11.16 25.11
N SER A 223 -30.17 -11.07 24.82
CA SER A 223 -31.16 -10.65 25.81
C SER A 223 -32.56 -11.15 25.47
N THR A 224 -32.71 -11.70 24.27
CA THR A 224 -34.00 -12.23 23.83
C THR A 224 -33.85 -13.60 23.16
N TRP A 225 -32.63 -14.16 23.22
CA TRP A 225 -32.36 -15.49 22.68
C TRP A 225 -31.95 -16.46 23.78
N SER A 226 -32.75 -17.49 24.00
CA SER A 226 -32.44 -18.51 25.01
C SER A 226 -31.61 -19.63 24.39
N GLY A 235 -37.28 -16.55 8.80
CA GLY A 235 -37.89 -15.92 7.63
C GLY A 235 -38.98 -16.76 7.01
N SER A 236 -38.60 -17.63 6.07
CA SER A 236 -39.55 -18.45 5.34
C SER A 236 -39.26 -19.95 5.46
N ASP A 237 -39.50 -20.67 4.38
CA ASP A 237 -39.35 -22.12 4.36
C ASP A 237 -37.90 -22.52 4.07
N THR A 238 -37.40 -22.07 2.93
CA THR A 238 -36.07 -22.44 2.49
C THR A 238 -35.16 -21.22 2.33
N ILE A 239 -33.88 -21.39 2.63
CA ILE A 239 -32.90 -20.34 2.40
C ILE A 239 -32.33 -20.52 0.99
N THR A 240 -32.57 -19.53 0.14
CA THR A 240 -32.08 -19.58 -1.23
C THR A 240 -30.90 -18.62 -1.40
N LEU A 241 -29.71 -19.19 -1.57
CA LEU A 241 -28.49 -18.41 -1.82
C LEU A 241 -28.31 -18.20 -3.31
N PRO A 242 -28.16 -16.93 -3.73
CA PRO A 242 -27.84 -16.68 -5.13
C PRO A 242 -26.40 -17.11 -5.40
N CYS A 243 -26.13 -17.68 -6.55
CA CYS A 243 -24.81 -18.20 -6.87
C CYS A 243 -24.45 -17.90 -8.30
N ARG A 244 -23.20 -17.50 -8.52
CA ARG A 244 -22.66 -17.38 -9.87
C ARG A 244 -21.85 -18.63 -10.15
N ILE A 245 -22.01 -19.17 -11.36
CA ILE A 245 -21.37 -20.42 -11.72
C ILE A 245 -20.39 -20.22 -12.88
N LYS A 246 -19.17 -20.71 -12.70
CA LYS A 246 -18.15 -20.63 -13.73
C LYS A 246 -17.60 -22.03 -13.99
N GLN A 247 -17.22 -22.29 -15.23
CA GLN A 247 -16.62 -23.57 -15.58
C GLN A 247 -15.15 -23.37 -15.93
N ILE A 248 -14.28 -24.16 -15.31
CA ILE A 248 -12.86 -24.10 -15.60
C ILE A 248 -12.60 -24.60 -17.02
N ILE A 249 -11.78 -23.88 -17.76
CA ILE A 249 -11.52 -24.22 -19.16
C ILE A 249 -10.03 -24.19 -19.48
N ASN A 250 -9.22 -23.79 -18.49
CA ASN A 250 -7.77 -23.75 -18.63
C ASN A 250 -7.15 -23.13 -17.38
N MET A 251 -5.82 -23.01 -17.37
CA MET A 251 -5.12 -22.42 -16.22
C MET A 251 -3.67 -22.12 -16.54
N TRP A 252 -3.08 -21.17 -15.81
CA TRP A 252 -1.67 -20.86 -15.93
C TRP A 252 -0.88 -21.60 -14.85
N CYS A 253 0.20 -22.27 -15.25
CA CYS A 253 0.89 -23.21 -14.37
C CYS A 253 1.90 -22.59 -13.40
N LYS A 254 2.65 -21.59 -13.85
CA LYS A 254 3.67 -20.97 -13.02
C LYS A 254 3.10 -19.83 -12.19
N VAL A 255 1.87 -19.43 -12.50
CA VAL A 255 1.21 -18.31 -11.82
C VAL A 255 0.11 -18.79 -10.88
N GLY A 256 -0.43 -19.98 -11.15
CA GLY A 256 -1.51 -20.54 -10.34
C GLY A 256 -2.86 -19.90 -10.59
N LYS A 257 -3.04 -19.37 -11.79
CA LYS A 257 -4.26 -18.64 -12.16
C LYS A 257 -5.19 -19.53 -12.98
N MET A 258 -6.45 -19.62 -12.54
CA MET A 258 -7.46 -20.38 -13.26
C MET A 258 -8.17 -19.51 -14.30
N MET A 259 -8.67 -20.15 -15.35
CA MET A 259 -9.38 -19.45 -16.40
C MET A 259 -10.80 -19.98 -16.54
N TYR A 260 -11.77 -19.07 -16.61
CA TYR A 260 -13.17 -19.45 -16.53
C TYR A 260 -13.96 -19.11 -17.78
N ALA A 261 -15.15 -19.71 -17.87
CA ALA A 261 -16.12 -19.37 -18.88
C ALA A 261 -17.49 -19.75 -18.32
N PRO A 262 -18.53 -19.00 -18.71
CA PRO A 262 -19.89 -19.36 -18.34
C PRO A 262 -20.19 -20.80 -18.75
N PRO A 263 -21.03 -21.50 -17.96
CA PRO A 263 -21.44 -22.85 -18.33
C PRO A 263 -22.63 -22.83 -19.27
N ILE A 264 -22.45 -22.25 -20.46
CA ILE A 264 -23.51 -22.22 -21.47
C ILE A 264 -23.78 -23.64 -21.97
N SER A 265 -23.27 -24.62 -21.22
CA SER A 265 -23.46 -26.03 -21.55
C SER A 265 -24.87 -26.50 -21.20
N GLY A 266 -25.47 -25.85 -20.21
CA GLY A 266 -26.82 -26.20 -19.79
C GLY A 266 -27.01 -26.09 -18.29
N GLN A 267 -27.83 -26.98 -17.74
CA GLN A 267 -28.09 -26.99 -16.30
C GLN A 267 -27.38 -28.14 -15.59
N ILE A 268 -26.42 -27.78 -14.75
CA ILE A 268 -25.70 -28.76 -13.95
C ILE A 268 -26.18 -28.73 -12.50
N ARG A 269 -26.54 -29.89 -11.98
CA ARG A 269 -27.03 -30.02 -10.60
C ARG A 269 -25.90 -30.44 -9.67
N CYS A 270 -26.03 -30.06 -8.40
CA CYS A 270 -25.05 -30.44 -7.39
C CYS A 270 -25.65 -30.41 -5.99
N SER A 271 -25.59 -31.55 -5.30
CA SER A 271 -26.09 -31.63 -3.94
C SER A 271 -24.99 -32.21 -3.06
N SER A 272 -24.69 -31.50 -1.98
CA SER A 272 -23.65 -31.92 -1.06
C SER A 272 -24.19 -31.95 0.36
N ASN A 273 -23.33 -32.34 1.29
CA ASN A 273 -23.62 -32.23 2.70
C ASN A 273 -22.69 -31.19 3.32
N ILE A 274 -23.26 -30.16 3.92
CA ILE A 274 -22.48 -29.30 4.80
C ILE A 274 -22.11 -30.17 6.01
N THR A 275 -20.81 -30.36 6.23
CA THR A 275 -20.33 -31.22 7.32
C THR A 275 -19.56 -30.41 8.37
N GLY A 276 -19.26 -29.17 8.03
CA GLY A 276 -18.50 -28.27 8.92
C GLY A 276 -18.32 -26.93 8.27
N LEU A 277 -17.58 -26.03 8.91
CA LEU A 277 -17.33 -24.71 8.35
C LEU A 277 -16.10 -24.02 8.91
N LEU A 278 -15.66 -23.00 8.19
CA LEU A 278 -14.52 -22.21 8.61
C LEU A 278 -15.02 -20.87 9.14
N LEU A 279 -14.47 -20.46 10.28
CA LEU A 279 -14.78 -19.15 10.84
C LEU A 279 -13.50 -18.43 11.22
N THR A 280 -13.54 -17.10 11.15
CA THR A 280 -12.54 -16.28 11.81
C THR A 280 -13.26 -15.32 12.74
N ARG A 281 -12.64 -15.07 13.89
CA ARG A 281 -13.22 -14.23 14.91
C ARG A 281 -12.67 -12.81 14.80
N ASP A 282 -13.54 -11.80 14.90
CA ASP A 282 -13.12 -10.40 14.83
C ASP A 282 -12.19 -10.00 15.97
N GLY A 283 -11.19 -9.18 15.66
CA GLY A 283 -10.26 -8.68 16.66
C GLY A 283 -10.49 -7.24 17.07
N GLY A 284 -11.45 -6.56 16.44
CA GLY A 284 -11.71 -5.15 16.73
C GLY A 284 -12.91 -4.91 17.63
N ASN A 285 -13.59 -6.00 18.00
CA ASN A 285 -14.82 -5.94 18.78
C ASN A 285 -14.66 -5.27 20.15
N SER A 286 -15.30 -4.12 20.32
CA SER A 286 -15.21 -3.34 21.56
C SER A 286 -16.15 -3.86 22.64
N ASN A 287 -16.92 -4.90 22.34
CA ASN A 287 -17.85 -5.48 23.30
C ASN A 287 -17.24 -6.67 24.01
N ASN A 288 -17.05 -6.53 25.32
CA ASN A 288 -16.45 -7.58 26.12
C ASN A 288 -17.47 -8.66 26.48
N GLU A 289 -18.67 -8.54 25.92
CA GLU A 289 -19.75 -9.46 26.22
C GLU A 289 -20.19 -10.19 24.97
N SER A 290 -19.42 -10.03 23.90
CA SER A 290 -19.76 -10.67 22.64
C SER A 290 -18.50 -11.11 21.89
N GLU A 291 -18.71 -12.03 20.96
CA GLU A 291 -17.69 -12.44 20.01
C GLU A 291 -18.31 -12.45 18.63
N ILE A 292 -17.59 -11.93 17.65
CA ILE A 292 -18.10 -11.89 16.29
C ILE A 292 -17.32 -12.85 15.40
N PHE A 293 -18.06 -13.70 14.69
CA PHE A 293 -17.45 -14.67 13.79
C PHE A 293 -17.95 -14.46 12.37
N ARG A 294 -17.03 -14.61 11.41
CA ARG A 294 -17.38 -14.47 10.01
C ARG A 294 -16.96 -15.74 9.26
N PRO A 295 -17.68 -16.08 8.18
CA PRO A 295 -17.37 -17.30 7.46
C PRO A 295 -16.09 -17.14 6.66
N GLY A 296 -15.31 -18.21 6.55
CA GLY A 296 -14.07 -18.20 5.82
C GLY A 296 -12.88 -18.37 6.74
N GLY A 297 -11.77 -18.84 6.19
CA GLY A 297 -10.52 -18.97 6.94
C GLY A 297 -9.57 -17.84 6.58
N GLY A 298 -8.37 -17.87 7.16
CA GLY A 298 -7.35 -16.86 6.86
C GLY A 298 -6.45 -17.32 5.71
N ASP A 299 -6.66 -18.55 5.25
CA ASP A 299 -5.87 -19.10 4.17
C ASP A 299 -6.74 -19.97 3.26
N MET A 300 -6.39 -19.98 1.98
CA MET A 300 -7.15 -20.74 1.00
C MET A 300 -7.21 -22.24 1.30
N ARG A 301 -6.11 -22.79 1.81
CA ARG A 301 -6.04 -24.25 2.05
C ARG A 301 -6.60 -24.68 3.41
N ASP A 302 -7.33 -23.79 4.07
CA ASP A 302 -7.92 -24.15 5.35
C ASP A 302 -8.91 -25.31 5.25
N ASN A 303 -9.61 -25.41 4.13
CA ASN A 303 -10.51 -26.54 3.92
C ASN A 303 -9.76 -27.86 3.93
N TRP A 304 -8.53 -27.83 3.41
CA TRP A 304 -7.64 -28.98 3.45
C TRP A 304 -7.29 -29.30 4.91
N ARG A 305 -6.94 -28.26 5.66
CA ARG A 305 -6.52 -28.42 7.06
C ARG A 305 -7.59 -29.04 7.95
N SER A 306 -8.85 -28.79 7.60
CA SER A 306 -9.97 -29.31 8.38
C SER A 306 -10.00 -30.83 8.33
N GLU A 307 -9.30 -31.40 7.35
CA GLU A 307 -9.36 -32.83 7.11
C GLU A 307 -8.00 -33.49 7.38
N LEU A 308 -7.01 -32.69 7.77
CA LEU A 308 -5.64 -33.17 7.91
C LEU A 308 -5.08 -33.12 9.33
N TYR A 309 -5.94 -32.88 10.32
CA TYR A 309 -5.49 -32.67 11.70
C TYR A 309 -5.02 -33.95 12.39
N LYS A 310 -5.42 -35.10 11.88
CA LYS A 310 -5.05 -36.37 12.51
C LYS A 310 -3.84 -37.05 11.88
N TYR A 311 -3.07 -36.31 11.08
CA TYR A 311 -1.88 -36.87 10.45
C TYR A 311 -0.59 -36.18 10.89
N LYS A 312 0.53 -36.88 10.71
CA LYS A 312 1.84 -36.40 11.09
C LYS A 312 2.91 -37.18 10.34
N VAL A 313 3.81 -36.47 9.67
CA VAL A 313 4.88 -37.10 8.89
C VAL A 313 6.13 -37.33 9.73
N VAL A 314 6.63 -38.57 9.70
CA VAL A 314 7.83 -38.91 10.46
C VAL A 314 8.81 -39.75 9.63
N LYS A 315 10.02 -39.92 10.17
CA LYS A 315 11.05 -40.74 9.52
C LYS A 315 10.86 -42.21 9.89
N ILE A 316 11.20 -43.10 8.97
CA ILE A 316 11.10 -44.54 9.22
C ILE A 316 11.91 -44.92 10.46
N GLU A 317 11.24 -45.54 11.43
CA GLU A 317 11.86 -45.94 12.68
C GLU A 317 12.89 -47.05 12.48
N GLN B 1 -9.67 1.32 13.10
CA GLN B 1 -9.25 2.06 11.88
C GLN B 1 -8.16 1.32 11.09
N VAL B 2 -8.37 1.24 9.78
CA VAL B 2 -7.45 0.56 8.89
C VAL B 2 -6.17 1.38 8.73
N GLN B 3 -5.03 0.74 8.92
CA GLN B 3 -3.73 1.42 8.84
C GLN B 3 -2.67 0.52 8.26
N LEU B 4 -1.81 1.09 7.42
CA LEU B 4 -0.63 0.41 6.93
C LEU B 4 0.60 1.15 7.41
N VAL B 5 1.47 0.43 8.13
CA VAL B 5 2.68 1.00 8.71
C VAL B 5 3.90 0.42 7.98
N GLN B 6 4.70 1.31 7.39
CA GLN B 6 5.82 0.88 6.55
C GLN B 6 7.15 1.05 7.27
N SER B 7 8.14 0.28 6.86
CA SER B 7 9.47 0.36 7.48
C SER B 7 10.19 1.67 7.15
N GLY B 8 11.26 1.95 7.88
CA GLY B 8 11.95 3.23 7.76
C GLY B 8 12.74 3.38 6.47
N ALA B 9 13.18 4.61 6.22
CA ALA B 9 13.96 4.97 5.03
C ALA B 9 15.21 4.11 4.85
N GLU B 10 15.59 3.93 3.58
CA GLU B 10 16.69 3.04 3.22
C GLU B 10 17.66 3.66 2.22
N VAL B 11 18.96 3.47 2.46
CA VAL B 11 20.01 3.94 1.57
C VAL B 11 20.81 2.75 1.03
N LYS B 12 20.85 2.61 -0.29
CA LYS B 12 21.47 1.43 -0.90
C LYS B 12 22.43 1.76 -2.03
N LYS B 13 23.43 0.90 -2.21
CA LYS B 13 24.36 0.98 -3.33
C LYS B 13 23.73 0.38 -4.58
N PRO B 14 24.08 0.90 -5.76
CA PRO B 14 23.63 0.27 -6.99
C PRO B 14 24.00 -1.21 -7.00
N GLY B 15 23.14 -2.06 -7.58
CA GLY B 15 23.41 -3.49 -7.63
C GLY B 15 22.92 -4.26 -6.41
N ALA B 16 22.67 -3.54 -5.33
CA ALA B 16 22.18 -4.15 -4.10
C ALA B 16 20.67 -4.39 -4.19
N SER B 17 20.09 -4.90 -3.11
CA SER B 17 18.64 -5.09 -3.04
C SER B 17 18.08 -4.50 -1.75
N VAL B 18 16.78 -4.19 -1.77
CA VAL B 18 16.12 -3.60 -0.62
C VAL B 18 14.81 -4.33 -0.34
N LYS B 19 14.54 -4.57 0.94
CA LYS B 19 13.28 -5.19 1.35
C LYS B 19 12.46 -4.23 2.22
N VAL B 20 11.31 -3.84 1.69
CA VAL B 20 10.42 -2.91 2.37
C VAL B 20 9.24 -3.68 2.94
N SER B 21 8.92 -3.42 4.20
CA SER B 21 7.82 -4.12 4.85
C SER B 21 6.60 -3.22 5.03
N CYS B 22 5.44 -3.84 5.17
CA CYS B 22 4.18 -3.13 5.26
C CYS B 22 3.24 -3.84 6.21
N GLN B 23 3.07 -3.29 7.41
CA GLN B 23 2.29 -3.97 8.43
C GLN B 23 0.89 -3.40 8.60
N ALA B 24 -0.09 -4.29 8.59
CA ALA B 24 -1.49 -3.92 8.65
C ALA B 24 -2.07 -4.05 10.07
N SER B 25 -3.03 -3.20 10.38
CA SER B 25 -3.83 -3.31 11.58
C SER B 25 -5.23 -2.76 11.31
N GLY B 26 -6.20 -3.12 12.14
CA GLY B 26 -7.56 -2.62 12.02
C GLY B 26 -8.45 -3.40 11.06
N TYR B 27 -7.92 -4.48 10.48
CA TYR B 27 -8.68 -5.33 9.58
C TYR B 27 -7.96 -6.68 9.43
N ARG B 28 -8.63 -7.63 8.79
CA ARG B 28 -8.06 -8.96 8.60
C ARG B 28 -7.05 -8.96 7.45
N PHE B 29 -5.77 -8.94 7.81
CA PHE B 29 -4.69 -8.76 6.85
C PHE B 29 -4.75 -9.71 5.65
N SER B 30 -5.02 -10.98 5.92
CA SER B 30 -4.96 -12.01 4.89
C SER B 30 -6.09 -11.89 3.87
N ASN B 31 -7.09 -11.05 4.16
CA ASN B 31 -8.29 -11.02 3.35
C ASN B 31 -8.30 -9.95 2.27
N PHE B 32 -7.26 -9.15 2.19
CA PHE B 32 -7.19 -8.11 1.17
C PHE B 32 -5.86 -8.10 0.44
N VAL B 33 -5.92 -8.06 -0.88
CA VAL B 33 -4.74 -7.88 -1.71
C VAL B 33 -3.99 -6.59 -1.32
N ILE B 34 -2.68 -6.60 -1.49
CA ILE B 34 -1.83 -5.42 -1.24
C ILE B 34 -1.08 -5.01 -2.52
N HIS B 35 -1.19 -3.73 -2.89
CA HIS B 35 -0.47 -3.20 -4.03
C HIS B 35 0.83 -2.58 -3.58
N TRP B 36 1.81 -2.58 -4.48
CA TRP B 36 3.03 -1.82 -4.29
C TRP B 36 3.20 -0.81 -5.42
N VAL B 37 3.46 0.44 -5.04
CA VAL B 37 3.51 1.57 -5.98
C VAL B 37 4.66 2.47 -5.57
N ARG B 38 5.38 3.03 -6.53
CA ARG B 38 6.49 3.95 -6.24
C ARG B 38 6.28 5.29 -6.92
N GLN B 39 6.95 6.30 -6.39
CA GLN B 39 7.06 7.56 -7.10
C GLN B 39 8.45 8.15 -6.93
N ALA B 40 9.21 8.19 -8.03
CA ALA B 40 10.54 8.80 -8.05
C ALA B 40 10.43 10.32 -8.24
N PRO B 41 11.44 11.07 -7.78
CA PRO B 41 11.45 12.53 -7.91
C PRO B 41 11.03 12.98 -9.30
N GLY B 42 9.98 13.80 -9.38
CA GLY B 42 9.54 14.36 -10.64
C GLY B 42 8.78 13.41 -11.55
N GLN B 43 8.61 12.16 -11.12
CA GLN B 43 7.95 11.14 -11.94
C GLN B 43 6.52 10.89 -11.48
N ARG B 44 5.75 10.17 -12.30
CA ARG B 44 4.41 9.75 -11.90
C ARG B 44 4.50 8.55 -10.97
N PHE B 45 3.41 8.26 -10.26
CA PHE B 45 3.31 7.02 -9.53
C PHE B 45 3.42 5.85 -10.50
N GLU B 46 4.13 4.81 -10.10
CA GLU B 46 4.30 3.61 -10.93
C GLU B 46 3.85 2.40 -10.16
N TRP B 47 2.92 1.64 -10.72
CA TRP B 47 2.48 0.40 -10.10
C TRP B 47 3.51 -0.70 -10.35
N MET B 48 3.91 -1.39 -9.29
CA MET B 48 4.93 -2.43 -9.40
C MET B 48 4.32 -3.83 -9.41
N GLY B 49 3.29 -4.02 -8.61
CA GLY B 49 2.57 -5.29 -8.59
C GLY B 49 1.68 -5.46 -7.38
N TRP B 50 1.02 -6.61 -7.27
CA TRP B 50 0.29 -6.93 -6.05
C TRP B 50 0.51 -8.36 -5.55
N ILE B 51 0.23 -8.57 -4.27
CA ILE B 51 0.23 -9.90 -3.68
C ILE B 51 -1.06 -10.13 -2.92
N ASN B 52 -1.56 -11.37 -2.96
CA ASN B 52 -2.75 -11.77 -2.23
C ASN B 52 -2.34 -12.66 -1.06
N PRO B 53 -2.44 -12.13 0.16
CA PRO B 53 -2.02 -12.84 1.38
C PRO B 53 -2.85 -14.11 1.64
N TYR B 54 -4.06 -14.15 1.09
CA TYR B 54 -4.95 -15.28 1.28
C TYR B 54 -4.50 -16.54 0.54
N ASN B 55 -3.96 -16.38 -0.67
CA ASN B 55 -3.59 -17.54 -1.48
C ASN B 55 -2.16 -17.50 -2.04
N GLY B 56 -1.45 -16.41 -1.82
CA GLY B 56 -0.08 -16.28 -2.28
C GLY B 56 0.03 -15.87 -3.73
N ASN B 57 -1.13 -15.65 -4.37
CA ASN B 57 -1.13 -15.18 -5.76
C ASN B 57 -0.57 -13.77 -5.87
N LYS B 58 0.09 -13.50 -6.99
CA LYS B 58 0.76 -12.24 -7.22
C LYS B 58 0.57 -11.78 -8.66
N GLU B 59 0.85 -10.51 -8.91
CA GLU B 59 0.82 -9.94 -10.24
C GLU B 59 1.92 -8.90 -10.32
N PHE B 60 2.59 -8.82 -11.46
CA PHE B 60 3.73 -7.94 -11.60
C PHE B 60 3.58 -6.99 -12.77
N SER B 61 4.07 -5.77 -12.60
CA SER B 61 4.27 -4.86 -13.71
C SER B 61 5.38 -5.43 -14.59
N ALA B 62 5.21 -5.41 -15.90
CA ALA B 62 6.23 -5.94 -16.81
C ALA B 62 7.57 -5.23 -16.62
N LYS B 63 7.52 -3.98 -16.16
CA LYS B 63 8.74 -3.19 -15.95
C LYS B 63 9.59 -3.73 -14.80
N PHE B 64 8.97 -4.42 -13.86
CA PHE B 64 9.65 -4.82 -12.63
C PHE B 64 9.68 -6.33 -12.37
N GLN B 65 8.96 -7.09 -13.20
CA GLN B 65 8.75 -8.52 -12.98
C GLN B 65 10.04 -9.33 -12.75
N ASP B 66 11.13 -8.91 -13.38
CA ASP B 66 12.38 -9.66 -13.32
C ASP B 66 13.17 -9.35 -12.06
N ARG B 67 12.90 -8.20 -11.45
CA ARG B 67 13.73 -7.73 -10.34
C ARG B 67 13.00 -7.68 -9.00
N VAL B 68 11.69 -7.94 -9.00
CA VAL B 68 10.90 -7.73 -7.78
C VAL B 68 10.30 -9.03 -7.21
N THR B 69 10.25 -9.10 -5.88
CA THR B 69 9.64 -10.24 -5.20
C THR B 69 8.63 -9.74 -4.16
N PHE B 70 7.40 -10.24 -4.24
CA PHE B 70 6.41 -9.92 -3.22
C PHE B 70 6.26 -11.11 -2.30
N THR B 71 6.04 -10.83 -1.02
CA THR B 71 5.95 -11.88 -0.03
C THR B 71 5.03 -11.42 1.11
N ALA B 72 4.49 -12.37 1.88
CA ALA B 72 3.61 -12.03 2.99
C ALA B 72 3.77 -12.98 4.17
N ASP B 73 3.64 -12.43 5.37
CA ASP B 73 3.66 -13.24 6.58
C ASP B 73 2.38 -12.94 7.36
N THR B 74 1.38 -13.79 7.19
CA THR B 74 0.09 -13.58 7.82
C THR B 74 0.18 -13.58 9.34
N SER B 75 1.10 -14.36 9.90
CA SER B 75 1.26 -14.42 11.35
C SER B 75 1.84 -13.12 11.89
N ALA B 76 2.41 -12.29 11.02
CA ALA B 76 2.99 -11.01 11.42
C ALA B 76 2.21 -9.83 10.84
N ASN B 77 1.09 -10.12 10.17
CA ASN B 77 0.28 -9.10 9.47
C ASN B 77 1.10 -8.16 8.59
N THR B 78 2.11 -8.72 7.92
CA THR B 78 3.06 -7.91 7.18
C THR B 78 3.25 -8.40 5.74
N ALA B 79 3.20 -7.47 4.80
CA ALA B 79 3.57 -7.76 3.42
C ALA B 79 4.95 -7.16 3.17
N TYR B 80 5.68 -7.77 2.25
CA TYR B 80 7.04 -7.35 1.95
C TYR B 80 7.22 -7.18 0.46
N MET B 81 8.03 -6.19 0.09
CA MET B 81 8.43 -5.98 -1.29
C MET B 81 9.95 -5.92 -1.32
N GLU B 82 10.55 -6.82 -2.09
CA GLU B 82 11.99 -6.75 -2.29
C GLU B 82 12.33 -6.41 -3.73
N LEU B 83 13.19 -5.42 -3.91
CA LEU B 83 13.62 -5.03 -5.24
C LEU B 83 15.14 -5.20 -5.33
N ARG B 84 15.60 -6.03 -6.26
CA ARG B 84 17.03 -6.27 -6.42
C ARG B 84 17.62 -5.61 -7.66
N SER B 85 18.94 -5.75 -7.83
CA SER B 85 19.68 -5.09 -8.91
C SER B 85 19.37 -3.58 -8.98
N LEU B 86 19.39 -2.94 -7.82
CA LEU B 86 18.99 -1.55 -7.72
C LEU B 86 19.85 -0.64 -8.57
N ARG B 87 19.27 0.47 -9.00
CA ARG B 87 19.96 1.45 -9.82
C ARG B 87 19.53 2.81 -9.33
N SER B 88 20.27 3.86 -9.70
CA SER B 88 20.01 5.18 -9.15
C SER B 88 18.56 5.60 -9.42
N ALA B 89 18.03 5.18 -10.56
CA ALA B 89 16.67 5.53 -10.95
C ALA B 89 15.62 4.85 -10.08
N ASP B 90 16.03 3.93 -9.22
CA ASP B 90 15.11 3.25 -8.32
C ASP B 90 14.91 4.09 -7.08
N THR B 91 15.61 5.22 -7.02
CA THR B 91 15.43 6.17 -5.92
C THR B 91 14.01 6.72 -5.93
N ALA B 92 13.24 6.39 -4.91
CA ALA B 92 11.84 6.77 -4.86
C ALA B 92 11.25 6.55 -3.49
N VAL B 93 10.02 7.04 -3.31
CA VAL B 93 9.21 6.68 -2.17
C VAL B 93 8.37 5.48 -2.58
N TYR B 94 8.48 4.39 -1.81
CA TYR B 94 7.77 3.15 -2.10
C TYR B 94 6.57 2.99 -1.16
N TYR B 95 5.39 2.83 -1.74
CA TYR B 95 4.14 2.79 -1.01
C TYR B 95 3.47 1.43 -1.12
N CYS B 96 2.98 0.91 -0.01
CA CYS B 96 2.02 -0.19 -0.07
C CYS B 96 0.61 0.39 0.06
N ALA B 97 -0.37 -0.31 -0.47
CA ALA B 97 -1.76 0.12 -0.36
C ALA B 97 -2.68 -1.09 -0.45
N ARG B 98 -3.73 -1.09 0.36
CA ARG B 98 -4.71 -2.16 0.37
C ARG B 98 -5.81 -1.91 -0.66
N VAL B 99 -6.27 -2.97 -1.33
CA VAL B 99 -7.43 -2.84 -2.20
C VAL B 99 -8.67 -2.52 -1.34
N GLY B 100 -9.74 -2.08 -1.98
CA GLY B 100 -10.98 -1.82 -1.26
C GLY B 100 -11.75 -3.12 -1.03
N PRO B 101 -12.86 -3.03 -0.27
CA PRO B 101 -13.69 -4.20 -0.02
C PRO B 101 -14.42 -4.65 -1.29
N TYR B 102 -14.49 -5.97 -1.47
CA TYR B 102 -15.29 -6.53 -2.56
C TYR B 102 -16.72 -6.78 -2.11
N SER B 103 -17.67 -6.50 -3.00
CA SER B 103 -19.07 -6.75 -2.73
C SER B 103 -19.69 -7.59 -3.86
N TRP B 104 -20.77 -8.28 -3.54
CA TRP B 104 -21.47 -9.14 -4.50
C TRP B 104 -21.74 -8.44 -5.84
N ASP B 105 -22.14 -7.18 -5.79
CA ASP B 105 -22.51 -6.43 -7.00
C ASP B 105 -21.31 -6.03 -7.87
N ASP B 106 -20.11 -6.22 -7.35
CA ASP B 106 -18.90 -5.89 -8.11
C ASP B 106 -18.50 -7.01 -9.05
N SER B 107 -17.84 -6.64 -10.15
CA SER B 107 -17.08 -7.59 -10.94
C SER B 107 -15.74 -7.78 -10.25
N PRO B 108 -15.14 -8.97 -10.40
CA PRO B 108 -13.80 -9.19 -9.84
C PRO B 108 -12.85 -8.03 -10.18
N GLN B 109 -12.17 -7.51 -9.17
CA GLN B 109 -11.17 -6.44 -9.36
C GLN B 109 -11.75 -5.03 -9.52
N ASP B 110 -13.07 -4.90 -9.44
CA ASP B 110 -13.67 -3.57 -9.40
C ASP B 110 -13.15 -2.82 -8.17
N ASN B 111 -12.72 -3.58 -7.18
CA ASN B 111 -12.25 -3.01 -5.91
C ASN B 111 -10.73 -2.84 -5.83
N TYR B 112 -10.02 -3.11 -6.92
CA TYR B 112 -8.55 -3.13 -6.89
C TYR B 112 -7.93 -1.75 -7.00
N TYR B 113 -8.68 -0.73 -6.58
CA TYR B 113 -8.12 0.60 -6.48
C TYR B 113 -7.29 0.65 -5.20
N MET B 114 -6.72 1.81 -4.89
CA MET B 114 -5.86 1.90 -3.71
C MET B 114 -6.61 2.55 -2.55
N ASP B 115 -7.22 1.70 -1.73
CA ASP B 115 -8.19 2.14 -0.75
C ASP B 115 -7.52 2.83 0.43
N VAL B 116 -6.45 2.22 0.93
CA VAL B 116 -5.71 2.75 2.07
C VAL B 116 -4.23 2.68 1.77
N TRP B 117 -3.54 3.81 1.87
CA TRP B 117 -2.13 3.86 1.57
C TRP B 117 -1.29 3.91 2.83
N GLY B 118 -0.09 3.34 2.76
CA GLY B 118 0.92 3.61 3.77
C GLY B 118 1.51 4.98 3.51
N LYS B 119 2.26 5.51 4.48
CA LYS B 119 2.89 6.82 4.32
C LYS B 119 4.09 6.75 3.38
N GLY B 120 4.52 5.54 3.04
CA GLY B 120 5.64 5.34 2.13
C GLY B 120 6.98 5.18 2.83
N THR B 121 7.95 4.62 2.11
CA THR B 121 9.31 4.57 2.62
C THR B 121 10.31 5.01 1.55
N THR B 122 11.16 5.97 1.89
CA THR B 122 12.15 6.49 0.97
C THR B 122 13.29 5.48 0.77
N VAL B 123 13.53 5.12 -0.49
CA VAL B 123 14.70 4.33 -0.83
C VAL B 123 15.64 5.15 -1.69
N ILE B 124 16.85 5.32 -1.20
CA ILE B 124 17.88 6.06 -1.93
C ILE B 124 18.88 5.07 -2.50
N VAL B 125 19.09 5.14 -3.81
CA VAL B 125 20.11 4.33 -4.44
C VAL B 125 21.21 5.22 -4.96
N SER B 126 22.41 5.04 -4.42
CA SER B 126 23.53 5.91 -4.71
C SER B 126 24.83 5.26 -4.28
N SER B 127 25.90 5.57 -5.01
CA SER B 127 27.23 5.05 -4.70
C SER B 127 27.91 5.91 -3.63
N ALA B 128 27.33 7.06 -3.34
CA ALA B 128 27.88 7.96 -2.35
C ALA B 128 27.86 7.33 -0.97
N SER B 129 28.86 7.63 -0.16
CA SER B 129 28.87 7.17 1.22
C SER B 129 28.56 8.34 2.13
N THR B 130 28.25 8.03 3.38
CA THR B 130 27.85 9.04 4.35
C THR B 130 28.86 10.18 4.38
N LYS B 131 28.35 11.40 4.37
CA LYS B 131 29.18 12.57 4.24
C LYS B 131 28.50 13.69 5.03
N GLY B 132 29.24 14.27 5.98
CA GLY B 132 28.72 15.39 6.76
C GLY B 132 28.90 16.68 5.98
N PRO B 133 28.05 17.67 6.21
CA PRO B 133 28.07 18.90 5.43
C PRO B 133 29.11 19.90 5.91
N SER B 134 29.57 20.74 4.99
CA SER B 134 30.27 21.97 5.33
C SER B 134 29.21 23.05 5.49
N VAL B 135 29.35 23.92 6.49
CA VAL B 135 28.37 24.98 6.73
C VAL B 135 29.00 26.36 6.56
N PHE B 136 28.53 27.10 5.57
CA PHE B 136 29.09 28.42 5.26
C PHE B 136 28.06 29.53 5.49
N PRO B 137 28.51 30.65 6.08
CA PRO B 137 27.62 31.79 6.29
C PRO B 137 27.17 32.45 4.99
N LEU B 138 25.95 32.98 5.00
CA LEU B 138 25.45 33.86 3.97
C LEU B 138 25.27 35.22 4.61
N ALA B 139 26.29 36.06 4.49
CA ALA B 139 26.37 37.30 5.24
C ALA B 139 25.42 38.38 4.74
N PRO B 140 24.79 39.10 5.68
CA PRO B 140 23.99 40.27 5.35
C PRO B 140 24.87 41.41 4.88
N SER B 141 24.25 42.44 4.31
CA SER B 141 24.95 43.62 3.82
C SER B 141 23.95 44.54 3.14
N SER B 142 24.44 45.43 2.28
CA SER B 142 23.57 46.28 1.48
C SER B 142 23.08 45.52 0.26
N LYS B 143 23.67 44.34 0.04
CA LYS B 143 23.34 43.49 -1.09
C LYS B 143 22.21 42.53 -0.75
N SER B 144 21.95 42.36 0.55
CA SER B 144 20.82 41.57 1.01
C SER B 144 19.91 42.42 1.89
N THR B 145 19.82 43.71 1.57
CA THR B 145 18.96 44.64 2.30
C THR B 145 17.77 45.07 1.45
N SER B 146 16.60 45.20 2.09
CA SER B 146 15.39 45.64 1.41
C SER B 146 14.78 46.84 2.14
N GLY B 147 15.60 47.87 2.35
CA GLY B 147 15.16 49.07 3.06
C GLY B 147 15.36 48.95 4.57
N GLY B 148 14.32 48.49 5.25
CA GLY B 148 14.39 48.30 6.70
C GLY B 148 14.86 46.91 7.08
N THR B 149 14.70 45.95 6.17
CA THR B 149 15.01 44.56 6.47
C THR B 149 16.16 44.01 5.62
N ALA B 150 16.89 43.06 6.19
CA ALA B 150 18.01 42.42 5.51
C ALA B 150 17.86 40.91 5.52
N ALA B 151 18.60 40.24 4.63
CA ALA B 151 18.56 38.78 4.56
C ALA B 151 19.91 38.20 4.97
N LEU B 152 19.87 37.04 5.61
CA LEU B 152 21.09 36.33 5.96
C LEU B 152 20.78 34.84 6.05
N GLY B 153 21.80 34.00 6.06
CA GLY B 153 21.57 32.58 6.10
C GLY B 153 22.81 31.72 6.19
N CYS B 154 22.63 30.44 5.91
CA CYS B 154 23.69 29.45 5.99
C CYS B 154 23.56 28.52 4.80
N LEU B 155 24.68 28.25 4.15
CA LEU B 155 24.71 27.28 3.08
C LEU B 155 25.23 25.97 3.64
N VAL B 156 24.41 24.93 3.54
CA VAL B 156 24.80 23.61 4.02
C VAL B 156 25.16 22.75 2.83
N LYS B 157 26.46 22.56 2.60
CA LYS B 157 26.93 22.00 1.34
C LYS B 157 27.54 20.61 1.44
N ASP B 158 27.18 19.77 0.47
CA ASP B 158 27.85 18.50 0.22
C ASP B 158 27.68 17.50 1.36
N TYR B 159 26.44 17.05 1.56
CA TYR B 159 26.18 16.04 2.59
C TYR B 159 25.40 14.88 2.01
N PHE B 160 25.49 13.74 2.69
CA PHE B 160 24.79 12.54 2.29
C PHE B 160 24.67 11.58 3.47
N PRO B 161 23.52 10.91 3.60
CA PRO B 161 22.31 11.18 2.84
C PRO B 161 21.47 12.26 3.50
N GLU B 162 20.24 12.41 3.03
CA GLU B 162 19.25 13.24 3.70
C GLU B 162 18.89 12.58 5.02
N PRO B 163 18.38 13.34 5.99
CA PRO B 163 18.17 14.79 5.96
C PRO B 163 19.15 15.56 6.86
N VAL B 164 19.21 16.87 6.67
CA VAL B 164 19.70 17.76 7.72
C VAL B 164 18.54 18.63 8.20
N THR B 165 18.63 19.07 9.44
CA THR B 165 17.71 20.07 9.97
C THR B 165 18.47 21.34 10.28
N VAL B 166 17.79 22.48 10.22
CA VAL B 166 18.42 23.76 10.54
C VAL B 166 17.49 24.57 11.43
N SER B 167 18.01 25.05 12.55
CA SER B 167 17.29 26.02 13.36
C SER B 167 18.10 27.30 13.41
N TRP B 168 17.57 28.31 14.08
CA TRP B 168 18.26 29.59 14.23
C TRP B 168 18.20 30.05 15.67
N ASN B 169 19.34 30.54 16.17
CA ASN B 169 19.47 30.97 17.55
C ASN B 169 18.91 29.94 18.52
N SER B 170 19.06 28.67 18.17
CA SER B 170 18.62 27.57 19.03
C SER B 170 17.11 27.52 19.16
N GLY B 171 16.41 27.99 18.13
CA GLY B 171 14.96 27.99 18.14
C GLY B 171 14.35 29.35 18.47
N ALA B 172 15.16 30.27 18.99
CA ALA B 172 14.65 31.58 19.38
C ALA B 172 14.19 32.40 18.19
N LEU B 173 14.65 32.03 16.99
CA LEU B 173 14.29 32.74 15.77
C LEU B 173 13.59 31.76 14.85
N THR B 174 12.31 32.00 14.57
CA THR B 174 11.52 31.15 13.68
C THR B 174 10.81 31.94 12.58
N SER B 175 10.40 33.16 12.90
CA SER B 175 9.69 33.99 11.92
C SER B 175 10.63 34.44 10.82
N GLY B 176 10.14 34.46 9.59
CA GLY B 176 10.94 34.91 8.46
C GLY B 176 11.91 33.87 7.93
N VAL B 177 11.98 32.72 8.59
CA VAL B 177 12.92 31.68 8.17
C VAL B 177 12.40 30.88 6.98
N HIS B 178 13.27 30.68 6.00
CA HIS B 178 13.00 29.75 4.92
C HIS B 178 14.15 28.76 4.79
N THR B 179 13.89 27.49 5.09
CA THR B 179 14.89 26.44 4.90
C THR B 179 14.47 25.64 3.66
N PHE B 180 15.29 25.67 2.62
CA PHE B 180 14.89 25.14 1.32
C PHE B 180 15.05 23.63 1.22
N PRO B 181 14.20 22.98 0.42
CA PRO B 181 14.40 21.54 0.18
C PRO B 181 15.80 21.30 -0.38
N ALA B 182 16.38 20.13 -0.08
CA ALA B 182 17.72 19.83 -0.56
C ALA B 182 17.76 19.72 -2.06
N VAL B 183 18.92 20.01 -2.63
CA VAL B 183 19.13 19.79 -4.05
C VAL B 183 20.18 18.69 -4.19
N LEU B 184 19.93 17.74 -5.08
CA LEU B 184 20.90 16.69 -5.34
C LEU B 184 21.87 17.16 -6.42
N GLN B 185 23.11 17.42 -6.01
CA GLN B 185 24.13 17.88 -6.95
C GLN B 185 24.56 16.75 -7.88
N SER B 186 25.26 17.11 -8.95
CA SER B 186 25.73 16.11 -9.91
C SER B 186 26.76 15.19 -9.25
N SER B 187 27.47 15.70 -8.26
CA SER B 187 28.45 14.92 -7.51
C SER B 187 27.79 13.79 -6.70
N GLY B 188 26.46 13.85 -6.58
CA GLY B 188 25.72 12.84 -5.84
C GLY B 188 25.46 13.24 -4.39
N LEU B 189 26.00 14.39 -4.00
CA LEU B 189 25.85 14.90 -2.65
C LEU B 189 24.75 15.96 -2.61
N TYR B 190 24.17 16.17 -1.43
CA TYR B 190 23.09 17.13 -1.27
C TYR B 190 23.58 18.50 -0.81
N SER B 191 22.79 19.53 -1.09
CA SER B 191 23.03 20.86 -0.56
C SER B 191 21.69 21.54 -0.34
N LEU B 192 21.61 22.33 0.73
CA LEU B 192 20.47 23.21 0.92
C LEU B 192 20.94 24.53 1.50
N SER B 193 20.07 25.53 1.45
CA SER B 193 20.33 26.78 2.11
C SER B 193 19.19 27.05 3.09
N SER B 194 19.50 27.76 4.16
CA SER B 194 18.47 28.28 5.04
C SER B 194 18.71 29.76 5.19
N VAL B 195 17.66 30.55 5.00
CA VAL B 195 17.80 32.00 5.09
C VAL B 195 16.74 32.56 6.02
N VAL B 196 16.97 33.78 6.49
CA VAL B 196 16.02 34.45 7.34
C VAL B 196 16.14 35.95 7.07
N THR B 197 15.01 36.63 7.02
CA THR B 197 15.03 38.07 6.87
C THR B 197 14.84 38.73 8.22
N VAL B 198 15.65 39.76 8.48
CA VAL B 198 15.65 40.42 9.78
C VAL B 198 15.74 41.92 9.58
N PRO B 199 15.41 42.70 10.63
CA PRO B 199 15.56 44.15 10.53
C PRO B 199 17.02 44.55 10.38
N SER B 200 17.33 45.34 9.36
CA SER B 200 18.70 45.80 9.12
C SER B 200 19.25 46.53 10.35
N SER B 201 18.36 47.07 11.16
CA SER B 201 18.74 47.86 12.34
C SER B 201 19.26 47.02 13.49
N SER B 202 19.15 45.70 13.37
CA SER B 202 19.57 44.79 14.43
C SER B 202 20.82 44.00 14.07
N LEU B 203 21.39 44.31 12.90
CA LEU B 203 22.57 43.61 12.42
C LEU B 203 23.82 43.92 13.26
N GLY B 204 23.69 44.92 14.13
CA GLY B 204 24.79 45.31 15.00
C GLY B 204 24.58 44.96 16.46
N THR B 205 23.32 44.72 16.83
CA THR B 205 22.99 44.40 18.22
C THR B 205 22.58 42.94 18.39
N GLN B 206 22.13 42.32 17.30
CA GLN B 206 21.66 40.94 17.35
C GLN B 206 22.64 39.92 16.75
N THR B 207 22.94 38.89 17.53
CA THR B 207 23.74 37.77 17.04
C THR B 207 22.84 36.75 16.36
N TYR B 208 23.28 36.26 15.21
CA TYR B 208 22.53 35.26 14.46
C TYR B 208 23.40 34.03 14.26
N ILE B 209 22.86 32.87 14.65
CA ILE B 209 23.58 31.62 14.56
C ILE B 209 22.65 30.55 14.00
N CYS B 210 23.06 29.90 12.92
CA CYS B 210 22.30 28.77 12.41
C CYS B 210 22.84 27.47 13.00
N ASN B 211 21.92 26.63 13.46
CA ASN B 211 22.28 25.37 14.09
C ASN B 211 21.98 24.24 13.12
N VAL B 212 23.03 23.62 12.60
CA VAL B 212 22.85 22.56 11.62
C VAL B 212 23.08 21.19 12.21
N ASN B 213 22.11 20.30 12.03
CA ASN B 213 22.24 18.93 12.50
C ASN B 213 22.09 17.91 11.37
N HIS B 214 23.07 17.02 11.25
CA HIS B 214 23.03 15.95 10.26
C HIS B 214 23.28 14.62 10.96
N LYS B 215 22.20 13.98 11.40
CA LYS B 215 22.29 12.75 12.18
C LYS B 215 23.08 11.64 11.50
N PRO B 216 22.82 11.38 10.20
CA PRO B 216 23.51 10.28 9.53
C PRO B 216 25.03 10.30 9.69
N SER B 217 25.61 11.50 9.84
CA SER B 217 27.05 11.62 10.04
C SER B 217 27.40 12.07 11.45
N ASN B 218 26.40 12.15 12.32
CA ASN B 218 26.59 12.66 13.67
C ASN B 218 27.19 14.07 13.71
N THR B 219 26.97 14.84 12.64
CA THR B 219 27.50 16.21 12.55
C THR B 219 26.56 17.24 13.18
N LYS B 220 27.08 18.03 14.11
CA LYS B 220 26.37 19.19 14.65
C LYS B 220 27.23 20.43 14.52
N VAL B 221 26.69 21.45 13.86
CA VAL B 221 27.45 22.67 13.63
C VAL B 221 26.63 23.91 13.96
N ASP B 222 27.23 24.83 14.73
CA ASP B 222 26.63 26.14 14.96
C ASP B 222 27.51 27.18 14.30
N LYS B 223 26.98 27.84 13.28
CA LYS B 223 27.76 28.82 12.54
C LYS B 223 27.21 30.22 12.77
N LYS B 224 28.06 31.14 13.20
CA LYS B 224 27.65 32.52 13.40
C LYS B 224 27.65 33.24 12.06
N ALA B 225 26.53 33.88 11.73
CA ALA B 225 26.42 34.66 10.50
C ALA B 225 26.57 36.12 10.85
N GLU B 226 27.50 36.79 10.17
CA GLU B 226 27.90 38.12 10.53
C GLU B 226 28.08 38.97 9.28
N PRO B 227 27.64 40.23 9.31
CA PRO B 227 27.89 41.12 8.18
C PRO B 227 29.36 41.13 7.82
N LYS B 228 29.68 40.76 6.58
CA LYS B 228 31.07 40.59 6.17
C LYS B 228 31.91 41.83 6.47
N SER B 229 32.81 41.70 7.44
CA SER B 229 33.61 42.83 7.93
C SER B 229 33.95 43.82 6.82
N CYS B 230 33.05 44.76 6.58
CA CYS B 230 33.23 45.75 5.52
C CYS B 230 33.08 47.17 6.04
N GLU C 1 -0.23 0.85 -24.38
CA GLU C 1 -0.55 0.98 -22.93
C GLU C 1 -1.21 2.32 -22.62
N ILE C 2 -2.06 2.34 -21.61
CA ILE C 2 -2.92 3.48 -21.32
C ILE C 2 -2.15 4.67 -20.75
N VAL C 3 -2.27 5.81 -21.41
CA VAL C 3 -1.64 7.04 -20.95
C VAL C 3 -2.72 8.02 -20.50
N LEU C 4 -2.62 8.47 -19.26
CA LEU C 4 -3.55 9.46 -18.71
C LEU C 4 -2.89 10.84 -18.66
N THR C 5 -3.63 11.85 -19.11
CA THR C 5 -3.12 13.21 -19.16
C THR C 5 -4.07 14.15 -18.42
N GLN C 6 -3.59 14.75 -17.34
CA GLN C 6 -4.41 15.68 -16.57
C GLN C 6 -4.23 17.13 -16.97
N SER C 7 -5.28 17.92 -16.79
CA SER C 7 -5.19 19.36 -16.95
C SER C 7 -6.16 20.03 -15.99
N PRO C 8 -5.85 21.26 -15.57
CA PRO C 8 -4.58 21.93 -15.88
C PRO C 8 -3.45 21.40 -14.99
N GLY C 9 -2.21 21.73 -15.32
CA GLY C 9 -1.07 21.34 -14.48
C GLY C 9 -1.19 21.92 -13.08
N THR C 10 -1.61 23.18 -13.02
CA THR C 10 -1.79 23.89 -11.76
C THR C 10 -3.15 24.57 -11.78
N LEU C 11 -3.90 24.42 -10.70
CA LEU C 11 -5.19 25.09 -10.56
C LEU C 11 -5.06 26.06 -9.39
N SER C 12 -5.20 27.34 -9.68
CA SER C 12 -5.05 28.37 -8.65
C SER C 12 -6.40 28.96 -8.29
N LEU C 13 -6.89 28.65 -7.09
CA LEU C 13 -8.21 29.12 -6.68
C LEU C 13 -8.23 29.65 -5.25
N SER C 14 -9.22 30.49 -4.96
CA SER C 14 -9.46 30.97 -3.61
C SER C 14 -10.50 30.08 -2.95
N PRO C 15 -10.48 30.00 -1.61
CA PRO C 15 -11.52 29.25 -0.92
C PRO C 15 -12.90 29.78 -1.32
N GLY C 16 -13.85 28.86 -1.55
CA GLY C 16 -15.19 29.25 -1.94
C GLY C 16 -15.45 29.08 -3.43
N GLU C 17 -14.38 29.03 -4.21
CA GLU C 17 -14.49 28.88 -5.66
C GLU C 17 -14.62 27.42 -6.07
N ARG C 18 -15.29 27.20 -7.19
CA ARG C 18 -15.47 25.87 -7.76
C ARG C 18 -14.17 25.41 -8.43
N ALA C 19 -13.84 24.14 -8.27
CA ALA C 19 -12.67 23.54 -8.92
C ALA C 19 -13.08 22.41 -9.87
N THR C 20 -12.42 22.36 -11.03
CA THR C 20 -12.68 21.33 -12.03
C THR C 20 -11.36 20.72 -12.51
N PHE C 21 -11.16 19.44 -12.22
CA PHE C 21 -9.97 18.72 -12.65
C PHE C 21 -10.34 17.83 -13.83
N SER C 22 -9.54 17.88 -14.89
CA SER C 22 -9.76 17.05 -16.07
C SER C 22 -8.77 15.91 -16.15
N CYS C 23 -9.26 14.73 -16.49
CA CYS C 23 -8.40 13.59 -16.79
C CYS C 23 -8.79 13.02 -18.15
N ARG C 24 -7.84 13.00 -19.07
CA ARG C 24 -8.08 12.49 -20.41
C ARG C 24 -7.29 11.21 -20.63
N SER C 25 -7.95 10.19 -21.16
CA SER C 25 -7.33 8.90 -21.40
C SER C 25 -7.09 8.64 -22.88
N SER C 26 -5.95 8.03 -23.20
CA SER C 26 -5.64 7.64 -24.56
C SER C 26 -6.54 6.48 -24.99
N HIS C 27 -7.11 5.80 -24.00
CA HIS C 27 -8.00 4.67 -24.25
C HIS C 27 -9.34 4.89 -23.57
N SER C 28 -10.41 4.47 -24.22
CA SER C 28 -11.74 4.49 -23.62
C SER C 28 -11.77 3.51 -22.46
N ILE C 29 -12.12 4.01 -21.28
CA ILE C 29 -12.12 3.17 -20.07
C ILE C 29 -13.51 2.55 -19.86
N ARG C 30 -13.76 1.45 -20.57
CA ARG C 30 -15.06 0.79 -20.54
C ARG C 30 -15.42 0.24 -19.15
N SER C 31 -14.40 -0.15 -18.39
CA SER C 31 -14.61 -0.76 -17.09
C SER C 31 -15.12 0.24 -16.06
N ARG C 32 -14.97 1.54 -16.36
CA ARG C 32 -15.31 2.59 -15.40
C ARG C 32 -14.46 2.52 -14.14
N ARG C 33 -13.32 1.85 -14.24
CA ARG C 33 -12.38 1.74 -13.14
C ARG C 33 -11.41 2.93 -13.13
N VAL C 34 -11.95 4.10 -12.80
CA VAL C 34 -11.18 5.32 -12.66
C VAL C 34 -11.23 5.81 -11.22
N ALA C 35 -10.08 6.14 -10.66
CA ALA C 35 -10.02 6.67 -9.31
C ALA C 35 -9.28 8.01 -9.26
N TRP C 36 -9.57 8.78 -8.21
CA TRP C 36 -8.89 10.03 -7.96
C TRP C 36 -8.28 9.95 -6.59
N TYR C 37 -7.07 10.48 -6.47
CA TYR C 37 -6.34 10.50 -5.20
C TYR C 37 -5.92 11.93 -4.84
N GLN C 38 -5.90 12.21 -3.55
CA GLN C 38 -5.40 13.46 -3.03
C GLN C 38 -4.09 13.16 -2.31
N HIS C 39 -3.08 13.98 -2.55
CA HIS C 39 -1.79 13.78 -1.91
C HIS C 39 -1.24 15.08 -1.38
N LYS C 40 -0.99 15.11 -0.06
CA LYS C 40 -0.35 16.25 0.58
C LYS C 40 1.06 15.84 1.05
N PRO C 41 2.02 16.78 0.96
CA PRO C 41 3.44 16.51 1.21
C PRO C 41 3.69 15.87 2.56
N GLY C 42 4.34 14.71 2.56
CA GLY C 42 4.69 14.03 3.80
C GLY C 42 3.54 13.20 4.35
N GLN C 43 2.44 13.14 3.60
CA GLN C 43 1.26 12.41 4.04
C GLN C 43 0.93 11.30 3.06
N ALA C 44 0.34 10.22 3.57
CA ALA C 44 -0.15 9.14 2.73
C ALA C 44 -1.16 9.69 1.74
N PRO C 45 -1.06 9.29 0.46
CA PRO C 45 -2.11 9.67 -0.49
C PRO C 45 -3.46 9.15 0.00
N ARG C 46 -4.54 9.80 -0.40
CA ARG C 46 -5.86 9.44 0.05
C ARG C 46 -6.81 9.23 -1.11
N LEU C 47 -7.57 8.15 -1.07
CA LEU C 47 -8.60 7.90 -2.08
C LEU C 47 -9.72 8.92 -1.94
N VAL C 48 -10.09 9.55 -3.05
CA VAL C 48 -11.19 10.51 -3.05
C VAL C 48 -12.41 9.94 -3.78
N ILE C 49 -12.17 9.40 -4.97
CA ILE C 49 -13.22 8.84 -5.82
C ILE C 49 -12.78 7.47 -6.35
N HIS C 50 -13.72 6.54 -6.43
CA HIS C 50 -13.48 5.28 -7.15
C HIS C 50 -14.66 4.96 -8.05
N GLY C 51 -14.44 4.07 -9.03
CA GLY C 51 -15.49 3.71 -9.97
C GLY C 51 -16.05 4.93 -10.68
N VAL C 52 -15.17 5.84 -11.07
CA VAL C 52 -15.54 7.10 -11.73
C VAL C 52 -16.26 8.10 -10.84
N SER C 53 -17.28 7.64 -10.11
CA SER C 53 -18.19 8.55 -9.41
C SER C 53 -18.49 8.23 -7.94
N ASN C 54 -17.91 7.16 -7.41
CA ASN C 54 -18.16 6.80 -6.02
C ASN C 54 -17.26 7.54 -5.04
N ARG C 55 -17.89 8.35 -4.18
CA ARG C 55 -17.16 9.07 -3.15
C ARG C 55 -16.61 8.08 -2.14
N ALA C 56 -15.31 8.19 -1.85
CA ALA C 56 -14.67 7.28 -0.90
C ALA C 56 -15.08 7.65 0.53
N SER C 57 -14.86 6.74 1.46
CA SER C 57 -15.30 6.93 2.84
C SER C 57 -14.61 8.12 3.51
N GLY C 58 -15.40 8.95 4.18
CA GLY C 58 -14.89 10.09 4.92
C GLY C 58 -14.74 11.34 4.07
N ILE C 59 -14.97 11.21 2.77
CA ILE C 59 -14.75 12.32 1.85
C ILE C 59 -15.94 13.29 1.84
N SER C 60 -15.64 14.57 1.95
CA SER C 60 -16.66 15.61 1.97
C SER C 60 -17.54 15.54 0.72
N ASP C 61 -18.84 15.82 0.90
CA ASP C 61 -19.79 15.81 -0.22
C ASP C 61 -19.59 16.96 -1.20
N ARG C 62 -18.60 17.81 -0.95
CA ARG C 62 -18.20 18.84 -1.90
C ARG C 62 -17.48 18.22 -3.11
N PHE C 63 -16.96 17.01 -2.93
CA PHE C 63 -16.27 16.29 -4.00
C PHE C 63 -17.22 15.42 -4.83
N SER C 64 -17.01 15.42 -6.15
CA SER C 64 -17.75 14.52 -7.04
C SER C 64 -16.95 14.18 -8.29
N GLY C 65 -17.10 12.96 -8.78
CA GLY C 65 -16.43 12.53 -10.00
C GLY C 65 -17.43 12.12 -11.06
N SER C 66 -17.12 12.46 -12.30
CA SER C 66 -18.01 12.13 -13.41
C SER C 66 -17.19 11.83 -14.67
N GLY C 67 -17.89 11.65 -15.79
CA GLY C 67 -17.23 11.40 -17.05
C GLY C 67 -17.47 9.99 -17.57
N SER C 68 -16.87 9.67 -18.71
CA SER C 68 -17.06 8.37 -19.34
C SER C 68 -16.13 8.21 -20.53
N GLY C 69 -15.78 6.96 -20.83
CA GLY C 69 -14.94 6.66 -21.97
C GLY C 69 -13.54 7.22 -21.87
N THR C 70 -13.38 8.44 -22.38
CA THR C 70 -12.07 9.04 -22.55
C THR C 70 -11.84 10.26 -21.64
N ASP C 71 -12.93 10.83 -21.13
CA ASP C 71 -12.84 12.09 -20.38
C ASP C 71 -13.48 11.98 -19.01
N PHE C 72 -12.69 12.23 -17.97
CA PHE C 72 -13.16 12.12 -16.61
C PHE C 72 -12.91 13.41 -15.82
N THR C 73 -13.82 13.71 -14.90
CA THR C 73 -13.76 14.97 -14.17
C THR C 73 -13.89 14.79 -12.66
N LEU C 74 -13.06 15.49 -11.92
CA LEU C 74 -13.24 15.64 -10.49
C LEU C 74 -13.61 17.10 -10.26
N THR C 75 -14.69 17.33 -9.53
CA THR C 75 -15.06 18.69 -9.22
C THR C 75 -15.25 18.90 -7.72
N ILE C 76 -14.91 20.10 -7.24
CA ILE C 76 -15.18 20.51 -5.88
C ILE C 76 -16.08 21.74 -5.92
N THR C 77 -17.30 21.62 -5.39
CA THR C 77 -18.28 22.71 -5.43
C THR C 77 -17.73 24.02 -4.90
N ARG C 78 -17.13 23.98 -3.71
CA ARG C 78 -16.57 25.16 -3.09
C ARG C 78 -15.30 24.77 -2.35
N VAL C 79 -14.16 25.18 -2.89
CA VAL C 79 -12.86 24.82 -2.36
C VAL C 79 -12.70 25.29 -0.91
N GLU C 80 -12.08 24.45 -0.10
CA GLU C 80 -11.78 24.80 1.29
C GLU C 80 -10.27 24.70 1.50
N PRO C 81 -9.73 25.43 2.50
CA PRO C 81 -8.28 25.47 2.70
C PRO C 81 -7.62 24.10 2.76
N GLU C 82 -8.33 23.09 3.25
CA GLU C 82 -7.74 21.75 3.38
C GLU C 82 -7.72 20.97 2.07
N ASP C 83 -8.30 21.54 1.01
CA ASP C 83 -8.34 20.89 -0.29
C ASP C 83 -7.04 21.12 -1.07
N PHE C 84 -6.24 22.08 -0.64
CA PHE C 84 -5.01 22.42 -1.35
C PHE C 84 -4.01 21.28 -1.26
N ALA C 85 -3.65 20.74 -2.42
CA ALA C 85 -2.94 19.48 -2.49
C ALA C 85 -2.73 19.10 -3.95
N LEU C 86 -2.11 17.96 -4.17
CA LEU C 86 -2.00 17.38 -5.51
C LEU C 86 -3.14 16.40 -5.68
N TYR C 87 -3.68 16.34 -6.89
CA TYR C 87 -4.73 15.39 -7.25
C TYR C 87 -4.29 14.58 -8.47
N TYR C 88 -4.41 13.27 -8.35
CA TYR C 88 -4.04 12.34 -9.42
C TYR C 88 -5.23 11.50 -9.82
N CYS C 89 -5.45 11.31 -11.14
CA CYS C 89 -6.37 10.28 -11.61
C CYS C 89 -5.58 8.99 -11.85
N GLN C 90 -6.27 7.85 -11.85
CA GLN C 90 -5.65 6.57 -12.20
C GLN C 90 -6.67 5.59 -12.78
N VAL C 91 -6.21 4.70 -13.65
CA VAL C 91 -6.98 3.53 -14.04
C VAL C 91 -6.41 2.30 -13.29
N TYR C 92 -7.29 1.37 -12.91
CA TYR C 92 -6.86 0.22 -12.12
C TYR C 92 -7.60 -1.05 -12.56
N GLY C 93 -7.04 -2.20 -12.20
CA GLY C 93 -7.65 -3.50 -12.49
C GLY C 93 -7.27 -4.05 -13.84
N ALA C 94 -7.38 -5.37 -13.98
CA ALA C 94 -7.10 -6.06 -15.24
C ALA C 94 -5.75 -5.67 -15.83
N SER C 95 -4.72 -5.69 -14.99
CA SER C 95 -3.35 -5.48 -15.43
C SER C 95 -3.08 -4.08 -15.96
N SER C 96 -4.09 -3.22 -15.89
CA SER C 96 -3.95 -1.84 -16.36
C SER C 96 -3.92 -0.90 -15.18
N TYR C 97 -2.72 -0.61 -14.68
CA TYR C 97 -2.58 0.37 -13.60
C TYR C 97 -1.72 1.51 -14.12
N THR C 98 -2.27 2.72 -14.07
CA THR C 98 -1.58 3.88 -14.64
C THR C 98 -2.14 5.17 -14.06
N PHE C 99 -1.26 6.14 -13.82
CA PHE C 99 -1.63 7.39 -13.16
C PHE C 99 -1.42 8.60 -14.06
N GLY C 100 -2.23 9.62 -13.87
CA GLY C 100 -2.00 10.92 -14.51
C GLY C 100 -0.81 11.58 -13.86
N GLN C 101 -0.30 12.64 -14.46
CA GLN C 101 0.87 13.30 -13.92
C GLN C 101 0.54 14.23 -12.74
N GLY C 102 -0.75 14.34 -12.43
CA GLY C 102 -1.18 15.17 -11.31
C GLY C 102 -1.56 16.59 -11.64
N THR C 103 -2.48 17.16 -10.85
CA THR C 103 -2.79 18.57 -10.92
C THR C 103 -2.62 19.18 -9.53
N LYS C 104 -1.90 20.29 -9.46
CA LYS C 104 -1.72 21.01 -8.20
C LYS C 104 -2.86 21.99 -7.95
N LEU C 105 -3.56 21.81 -6.84
CA LEU C 105 -4.54 22.79 -6.40
C LEU C 105 -3.86 23.69 -5.38
N GLU C 106 -3.42 24.86 -5.83
CA GLU C 106 -2.79 25.84 -4.94
C GLU C 106 -3.72 27.03 -4.71
N ARG C 107 -3.38 27.86 -3.73
CA ARG C 107 -4.23 28.96 -3.31
C ARG C 107 -3.90 30.25 -4.07
N LYS C 108 -4.92 30.85 -4.65
CA LYS C 108 -4.78 32.09 -5.38
C LYS C 108 -4.56 33.25 -4.43
N ARG C 109 -3.73 34.20 -4.85
CA ARG C 109 -3.55 35.45 -4.14
C ARG C 109 -3.11 36.50 -5.14
N THR C 110 -2.99 37.75 -4.70
CA THR C 110 -2.53 38.82 -5.57
C THR C 110 -1.06 38.62 -5.93
N VAL C 111 -0.68 39.08 -7.10
CA VAL C 111 0.69 38.95 -7.59
C VAL C 111 1.66 39.65 -6.64
N ALA C 112 2.78 39.00 -6.37
CA ALA C 112 3.77 39.56 -5.46
C ALA C 112 5.16 39.41 -6.05
N ALA C 113 5.83 40.54 -6.25
CA ALA C 113 7.20 40.53 -6.73
C ALA C 113 8.12 39.96 -5.66
N PRO C 114 9.14 39.20 -6.09
CA PRO C 114 10.13 38.68 -5.16
C PRO C 114 11.05 39.80 -4.69
N SER C 115 11.57 39.65 -3.47
CA SER C 115 12.68 40.48 -3.01
C SER C 115 13.95 39.72 -3.32
N VAL C 116 14.83 40.32 -4.12
CA VAL C 116 16.03 39.62 -4.57
C VAL C 116 17.27 40.01 -3.77
N PHE C 117 17.97 39.01 -3.26
CA PHE C 117 19.21 39.21 -2.52
C PHE C 117 20.28 38.30 -3.08
N ILE C 118 21.51 38.81 -3.15
CA ILE C 118 22.63 38.01 -3.62
C ILE C 118 23.66 37.85 -2.50
N PHE C 119 24.28 36.68 -2.44
CA PHE C 119 25.26 36.40 -1.39
C PHE C 119 26.57 35.92 -1.99
N PRO C 120 27.66 36.67 -1.73
CA PRO C 120 29.01 36.30 -2.18
C PRO C 120 29.47 35.02 -1.46
N PRO C 121 30.40 34.28 -2.09
CA PRO C 121 30.94 33.11 -1.40
C PRO C 121 31.72 33.56 -0.18
N SER C 122 31.48 32.91 0.95
CA SER C 122 32.20 33.22 2.17
C SER C 122 33.67 32.92 1.96
N ASP C 123 34.55 33.72 2.56
CA ASP C 123 35.99 33.51 2.42
C ASP C 123 36.45 32.25 3.15
N GLU C 124 35.61 31.75 4.05
CA GLU C 124 35.87 30.45 4.68
C GLU C 124 35.68 29.31 3.69
N GLN C 125 34.69 29.42 2.80
CA GLN C 125 34.52 28.44 1.74
C GLN C 125 35.62 28.55 0.70
N LEU C 126 36.04 29.79 0.42
CA LEU C 126 37.09 30.03 -0.56
C LEU C 126 38.37 29.32 -0.18
N LYS C 127 38.63 29.21 1.11
CA LYS C 127 39.80 28.48 1.60
C LYS C 127 39.76 27.02 1.15
N SER C 128 38.58 26.41 1.17
CA SER C 128 38.44 25.02 0.71
C SER C 128 38.55 24.91 -0.81
N GLY C 129 38.69 26.05 -1.48
CA GLY C 129 38.95 26.07 -2.91
C GLY C 129 37.71 26.06 -3.80
N THR C 130 36.55 26.33 -3.20
CA THR C 130 35.30 26.35 -3.93
C THR C 130 34.57 27.68 -3.69
N ALA C 131 33.74 28.08 -4.64
CA ALA C 131 32.97 29.31 -4.51
C ALA C 131 31.52 29.09 -4.93
N SER C 132 30.60 29.21 -3.97
CA SER C 132 29.18 29.16 -4.26
C SER C 132 28.59 30.55 -4.13
N VAL C 133 27.83 30.98 -5.14
CA VAL C 133 27.12 32.24 -5.07
C VAL C 133 25.63 31.96 -4.98
N VAL C 134 24.98 32.57 -4.00
CA VAL C 134 23.56 32.30 -3.75
C VAL C 134 22.70 33.49 -4.13
N CYS C 135 21.63 33.22 -4.85
CA CYS C 135 20.63 34.24 -5.16
C CYS C 135 19.29 33.85 -4.55
N LEU C 136 18.64 34.79 -3.87
CA LEU C 136 17.39 34.53 -3.17
C LEU C 136 16.22 35.35 -3.70
N LEU C 137 15.15 34.65 -4.06
CA LEU C 137 13.87 35.30 -4.41
C LEU C 137 12.91 35.04 -3.26
N ASN C 138 12.55 36.09 -2.54
CA ASN C 138 11.80 35.92 -1.31
C ASN C 138 10.33 36.34 -1.42
N ASN C 139 9.43 35.42 -1.05
CA ASN C 139 8.01 35.71 -0.92
C ASN C 139 7.32 36.28 -2.16
N PHE C 140 7.22 35.48 -3.20
CA PHE C 140 6.60 35.92 -4.44
C PHE C 140 5.42 35.03 -4.87
N TYR C 141 4.57 35.57 -5.74
CA TYR C 141 3.47 34.83 -6.34
C TYR C 141 3.15 35.44 -7.71
N PRO C 142 2.92 34.60 -8.72
CA PRO C 142 2.90 33.13 -8.70
C PRO C 142 4.27 32.47 -8.67
N ARG C 143 4.25 31.14 -8.61
CA ARG C 143 5.47 30.33 -8.50
C ARG C 143 6.41 30.53 -9.69
N GLU C 144 5.85 30.77 -10.86
CA GLU C 144 6.64 30.95 -12.08
C GLU C 144 7.65 32.07 -11.95
N ALA C 145 8.92 31.72 -12.04
CA ALA C 145 10.00 32.70 -12.04
C ALA C 145 11.19 32.17 -12.84
N LYS C 146 11.93 33.07 -13.47
CA LYS C 146 13.15 32.67 -14.16
C LYS C 146 14.36 33.33 -13.52
N VAL C 147 15.36 32.50 -13.22
CA VAL C 147 16.61 32.99 -12.63
C VAL C 147 17.79 32.62 -13.52
N GLN C 148 18.53 33.63 -13.96
CA GLN C 148 19.72 33.40 -14.77
C GLN C 148 20.95 34.01 -14.14
N TRP C 149 22.09 33.32 -14.26
CA TRP C 149 23.34 33.85 -13.77
C TRP C 149 24.16 34.40 -14.93
N LYS C 150 24.87 35.50 -14.68
CA LYS C 150 25.77 36.07 -15.67
C LYS C 150 27.05 36.53 -14.99
N VAL C 151 28.18 36.06 -15.50
CA VAL C 151 29.48 36.40 -14.93
C VAL C 151 30.30 37.18 -15.95
N ASP C 152 30.53 38.46 -15.65
CA ASP C 152 31.09 39.40 -16.62
C ASP C 152 30.26 39.42 -17.90
N ASN C 153 28.94 39.40 -17.73
CA ASN C 153 27.97 39.51 -18.83
C ASN C 153 27.77 38.24 -19.65
N ALA C 154 28.47 37.17 -19.28
CA ALA C 154 28.31 35.89 -19.95
C ALA C 154 27.24 35.05 -19.26
N LEU C 155 26.34 34.47 -20.05
CA LEU C 155 25.28 33.61 -19.51
C LEU C 155 25.84 32.27 -19.07
N GLN C 156 25.67 31.95 -17.79
CA GLN C 156 26.17 30.70 -17.22
C GLN C 156 25.20 29.55 -17.49
N SER C 157 25.74 28.35 -17.68
CA SER C 157 24.93 27.17 -17.98
C SER C 157 25.52 25.89 -17.39
N GLY C 158 24.67 25.10 -16.72
CA GLY C 158 25.07 23.81 -16.19
C GLY C 158 26.01 23.88 -15.00
N ASN C 159 25.91 24.97 -14.26
CA ASN C 159 26.73 25.15 -13.06
C ASN C 159 25.92 25.77 -11.93
N SER C 160 24.61 25.73 -12.06
CA SER C 160 23.73 26.24 -11.02
C SER C 160 22.53 25.31 -10.81
N GLN C 161 21.99 25.35 -9.61
CA GLN C 161 20.76 24.63 -9.29
C GLN C 161 19.88 25.54 -8.48
N GLU C 162 18.57 25.29 -8.51
CA GLU C 162 17.66 26.08 -7.72
C GLU C 162 16.71 25.20 -6.90
N SER C 163 16.06 25.82 -5.92
CA SER C 163 15.15 25.12 -5.02
C SER C 163 14.02 26.06 -4.62
N VAL C 164 12.81 25.52 -4.52
CA VAL C 164 11.64 26.31 -4.22
C VAL C 164 10.89 25.74 -3.02
N THR C 165 10.44 26.63 -2.15
CA THR C 165 9.68 26.22 -0.97
C THR C 165 8.27 25.81 -1.37
N GLU C 166 7.59 25.09 -0.48
CA GLU C 166 6.17 24.83 -0.65
C GLU C 166 5.44 26.13 -0.38
N GLN C 167 4.23 26.26 -0.92
CA GLN C 167 3.46 27.50 -0.77
C GLN C 167 3.27 27.85 0.69
N ASP C 168 3.67 29.05 1.09
CA ASP C 168 3.54 29.46 2.48
C ASP C 168 2.09 29.42 2.93
N SER C 169 1.84 28.82 4.08
CA SER C 169 0.48 28.65 4.60
C SER C 169 -0.11 29.94 5.17
N LYS C 170 0.69 31.00 5.27
CA LYS C 170 0.22 32.25 5.86
C LYS C 170 0.00 33.34 4.82
N ASP C 171 1.00 33.56 3.96
CA ASP C 171 0.87 34.57 2.93
C ASP C 171 0.70 33.95 1.54
N SER C 172 0.74 32.62 1.48
CA SER C 172 0.54 31.90 0.22
C SER C 172 1.57 32.23 -0.85
N THR C 173 2.74 32.70 -0.42
CA THR C 173 3.81 33.03 -1.36
C THR C 173 4.84 31.90 -1.46
N TYR C 174 5.71 32.00 -2.46
CA TYR C 174 6.83 31.06 -2.61
C TYR C 174 8.14 31.79 -2.40
N SER C 175 9.18 31.03 -2.04
CA SER C 175 10.53 31.57 -2.05
C SER C 175 11.43 30.62 -2.82
N LEU C 176 12.47 31.17 -3.44
CA LEU C 176 13.32 30.39 -4.31
C LEU C 176 14.79 30.77 -4.14
N SER C 177 15.65 29.77 -4.09
CA SER C 177 17.09 30.01 -4.09
C SER C 177 17.69 29.41 -5.35
N SER C 178 18.72 30.05 -5.86
CA SER C 178 19.50 29.51 -6.96
C SER C 178 20.96 29.60 -6.58
N THR C 179 21.66 28.48 -6.65
CA THR C 179 23.06 28.43 -6.24
C THR C 179 23.96 28.22 -7.45
N LEU C 180 24.86 29.19 -7.66
CA LEU C 180 25.86 29.12 -8.72
C LEU C 180 27.14 28.60 -8.10
N THR C 181 27.67 27.51 -8.64
CA THR C 181 28.85 26.87 -8.04
C THR C 181 30.03 26.82 -9.00
N LEU C 182 31.11 27.48 -8.61
CA LEU C 182 32.32 27.50 -9.41
C LEU C 182 33.52 27.10 -8.58
N SER C 183 34.63 26.79 -9.26
CA SER C 183 35.88 26.52 -8.59
C SER C 183 36.50 27.85 -8.18
N LYS C 184 37.37 27.81 -7.18
CA LYS C 184 38.08 29.00 -6.73
C LYS C 184 38.81 29.66 -7.91
N ALA C 185 39.37 28.82 -8.78
CA ALA C 185 40.09 29.28 -9.96
C ALA C 185 39.18 30.08 -10.91
N ASP C 186 38.08 29.46 -11.32
CA ASP C 186 37.13 30.10 -12.22
C ASP C 186 36.53 31.35 -11.59
N TYR C 187 36.46 31.36 -10.26
CA TYR C 187 35.90 32.48 -9.52
C TYR C 187 36.83 33.69 -9.55
N GLU C 188 38.13 33.45 -9.34
CA GLU C 188 39.11 34.53 -9.32
C GLU C 188 39.10 35.32 -10.62
N LYS C 189 39.17 34.61 -11.74
CA LYS C 189 39.33 35.22 -13.06
C LYS C 189 38.14 36.05 -13.55
N HIS C 190 37.16 36.26 -12.66
CA HIS C 190 36.03 37.14 -12.97
C HIS C 190 35.77 38.07 -11.79
N LYS C 191 35.10 39.21 -12.06
CA LYS C 191 34.79 40.14 -10.98
C LYS C 191 33.30 40.47 -10.79
N VAL C 192 32.56 40.62 -11.90
CA VAL C 192 31.14 40.95 -11.79
C VAL C 192 30.25 39.70 -11.78
N TYR C 193 29.59 39.48 -10.66
CA TYR C 193 28.70 38.34 -10.50
C TYR C 193 27.26 38.81 -10.31
N ALA C 194 26.42 38.55 -11.32
CA ALA C 194 25.06 39.06 -11.31
C ALA C 194 24.02 37.96 -11.33
N CYS C 195 22.96 38.15 -10.55
CA CYS C 195 21.79 37.29 -10.58
C CYS C 195 20.67 38.03 -11.29
N GLU C 196 20.16 37.47 -12.38
CA GLU C 196 19.12 38.12 -13.16
C GLU C 196 17.79 37.40 -13.05
N VAL C 197 16.79 38.09 -12.51
CA VAL C 197 15.48 37.51 -12.22
C VAL C 197 14.39 38.12 -13.10
N THR C 198 13.47 37.27 -13.55
CA THR C 198 12.26 37.74 -14.25
C THR C 198 11.03 37.11 -13.61
N HIS C 199 10.01 37.94 -13.38
CA HIS C 199 8.81 37.51 -12.70
C HIS C 199 7.62 38.32 -13.19
N GLN C 200 6.42 37.79 -12.99
CA GLN C 200 5.19 38.43 -13.44
C GLN C 200 4.92 39.74 -12.68
N GLY C 201 5.48 39.86 -11.49
CA GLY C 201 5.28 41.03 -10.66
C GLY C 201 6.26 42.14 -10.99
N LEU C 202 7.23 41.83 -11.83
CA LEU C 202 8.25 42.78 -12.25
C LEU C 202 8.01 43.21 -13.69
N ARG C 203 7.99 44.52 -13.93
CA ARG C 203 7.78 45.06 -15.27
C ARG C 203 9.04 44.98 -16.11
N SER C 204 10.08 44.36 -15.54
CA SER C 204 11.33 44.12 -16.25
C SER C 204 12.20 43.17 -15.44
N PRO C 205 13.10 42.44 -16.13
CA PRO C 205 14.10 41.67 -15.41
C PRO C 205 14.81 42.54 -14.39
N VAL C 206 15.18 41.93 -13.26
CA VAL C 206 15.83 42.64 -12.17
C VAL C 206 17.19 42.01 -11.87
N THR C 207 18.21 42.85 -11.77
CA THR C 207 19.57 42.37 -11.54
C THR C 207 20.08 42.69 -10.14
N LYS C 208 20.61 41.68 -9.47
CA LYS C 208 21.36 41.89 -8.23
C LYS C 208 22.78 41.39 -8.46
N SER C 209 23.76 42.24 -8.16
CA SER C 209 25.15 41.88 -8.44
C SER C 209 26.12 42.46 -7.42
N PHE C 210 27.36 41.98 -7.49
CA PHE C 210 28.45 42.50 -6.67
C PHE C 210 29.78 42.38 -7.41
N ASN C 211 30.74 43.21 -7.02
CA ASN C 211 32.09 43.14 -7.55
C ASN C 211 32.96 42.22 -6.68
N ARG C 212 33.60 41.24 -7.31
CA ARG C 212 34.36 40.24 -6.57
C ARG C 212 35.41 40.86 -5.65
N GLY C 213 35.45 40.37 -4.42
CA GLY C 213 36.42 40.84 -3.42
C GLY C 213 36.44 42.35 -3.27
N GLU C 214 35.25 42.92 -3.08
CA GLU C 214 35.11 44.37 -2.96
C GLU C 214 33.73 44.70 -2.43
N CYS C 215 33.66 45.70 -1.55
CA CYS C 215 32.38 46.15 -0.99
C CYS C 215 32.43 47.61 -0.53
C1 NAG D . -6.61 -30.33 23.07
C2 NAG D . -7.50 -30.01 24.27
C3 NAG D . -6.68 -29.50 25.45
C4 NAG D . -5.50 -30.43 25.72
C5 NAG D . -4.71 -30.65 24.43
C6 NAG D . -3.52 -31.57 24.65
C7 NAG D . -9.80 -29.27 24.03
C8 NAG D . -10.50 -28.65 25.20
N2 NAG D . -8.50 -29.02 23.91
O3 NAG D . -7.49 -29.44 26.61
O4 NAG D . -4.66 -29.86 26.70
O5 NAG D . -5.56 -31.20 23.45
O6 NAG D . -3.85 -32.58 25.59
O7 NAG D . -10.43 -29.97 23.23
C1 NAG E . -8.44 -47.50 16.72
C2 NAG E . -9.82 -47.42 17.39
C3 NAG E . -10.96 -48.12 16.63
C4 NAG E . -10.74 -48.21 15.12
C5 NAG E . -9.29 -48.53 14.82
C6 NAG E . -9.07 -48.69 13.31
C7 NAG E . -10.74 -48.10 19.56
C8 NAG E . -10.91 -49.43 20.23
N2 NAG E . -9.70 -47.98 18.73
O3 NAG E . -12.16 -47.42 16.87
O4 NAG E . -11.58 -49.21 14.59
O5 NAG E . -8.51 -47.48 15.31
O6 NAG E . -9.65 -49.90 12.89
O7 NAG E . -11.54 -47.19 19.77
C1 NAG F . -20.72 -34.20 -2.54
C2 NAG F . -20.24 -33.56 -3.85
C3 NAG F . -21.20 -33.81 -5.00
C4 NAG F . -21.67 -35.27 -5.04
C5 NAG F . -22.10 -35.75 -3.67
C6 NAG F . -22.46 -37.23 -3.71
C7 NAG F . -19.07 -31.42 -4.15
C8 NAG F . -19.04 -29.98 -3.80
N2 NAG F . -20.09 -32.12 -3.66
O3 NAG F . -20.57 -33.50 -6.22
O4 NAG F . -22.75 -35.36 -5.95
O5 NAG F . -21.04 -35.57 -2.75
O6 NAG F . -21.28 -37.99 -3.57
O7 NAG F . -18.19 -31.91 -4.86
C1 NAG G . -2.48 -17.74 21.80
C2 NAG G . -1.03 -17.97 22.18
C3 NAG G . -0.62 -17.02 23.30
C4 NAG G . -1.01 -15.58 22.96
C5 NAG G . -2.46 -15.50 22.48
C6 NAG G . -2.81 -14.09 22.04
C7 NAG G . 0.24 -20.05 22.19
C8 NAG G . 0.85 -19.70 20.87
N2 NAG G . -0.82 -19.35 22.58
O3 NAG G . 0.76 -17.11 23.53
O4 NAG G . -0.87 -14.77 24.09
O5 NAG G . -2.65 -16.40 21.41
O6 NAG G . -2.44 -13.91 20.69
O7 NAG G . 0.71 -20.97 22.85
C1 NAG H . -25.11 -33.52 17.89
C2 NAG H . -25.99 -34.16 18.97
C3 NAG H . -26.86 -33.09 19.62
C4 NAG H . -25.96 -31.98 20.17
C5 NAG H . -25.01 -31.49 19.08
C6 NAG H . -24.07 -30.41 19.62
C7 NAG H . -27.47 -35.35 17.38
C8 NAG H . -28.77 -34.61 17.33
N2 NAG H . -26.78 -35.30 18.51
O3 NAG H . -27.61 -33.64 20.66
O4 NAG H . -26.75 -30.93 20.65
O5 NAG H . -24.28 -32.57 18.53
O6 NAG H . -22.80 -30.96 19.89
O7 NAG H . -27.10 -36.00 16.41
C1 NAG I . -31.84 -31.48 -1.34
C2 NAG I . -33.13 -31.12 -0.60
C3 NAG I . -33.76 -32.31 0.10
C4 NAG I . -33.69 -33.60 -0.73
C5 NAG I . -32.33 -33.76 -1.40
C6 NAG I . -32.29 -34.99 -2.31
C7 NAG I . -33.30 -28.82 0.26
C8 NAG I . -33.13 -27.92 1.48
N2 NAG I . -32.85 -30.08 0.38
O3 NAG I . -35.11 -32.02 0.37
O4 NAG I . -33.93 -34.71 0.11
O5 NAG I . -32.08 -32.60 -2.17
O6 NAG I . -30.98 -35.49 -2.34
O7 NAG I . -33.82 -28.39 -0.78
C1 NAG J . -34.25 -19.80 14.64
C2 NAG J . -35.74 -19.61 14.45
C3 NAG J . -36.24 -18.41 15.26
C4 NAG J . -35.75 -18.47 16.70
C5 NAG J . -34.29 -18.87 16.81
C6 NAG J . -33.94 -19.22 18.26
C7 NAG J . -36.67 -20.42 12.33
C8 NAG J . -37.51 -21.41 13.07
N2 NAG J . -36.09 -19.45 13.05
O3 NAG J . -37.64 -18.37 15.25
O4 NAG J . -35.94 -17.20 17.30
O5 NAG J . -33.99 -20.00 16.01
O6 NAG J . -34.40 -20.53 18.54
O7 NAG J . -36.51 -20.52 11.11
C1 NAG K . -22.52 -15.63 33.30
C2 NAG K . -23.31 -16.93 33.26
C3 NAG K . -22.57 -18.11 33.89
C4 NAG K . -21.10 -18.12 33.47
C5 NAG K . -20.49 -16.75 33.74
C6 NAG K . -19.00 -16.73 33.41
C7 NAG K . -24.92 -17.12 35.11
C8 NAG K . -26.00 -18.16 35.26
N2 NAG K . -24.62 -16.74 33.87
O3 NAG K . -23.18 -19.32 33.49
O4 NAG K . -20.42 -19.11 34.20
O5 NAG K . -21.17 -15.82 32.93
O6 NAG K . -18.33 -15.93 34.36
O7 NAG K . -24.38 -16.65 36.11
C1 NAG L . -25.08 -10.46 -1.37
C2 NAG L . -26.23 -10.39 -0.36
C3 NAG L . -26.33 -8.92 0.05
C4 NAG L . -24.98 -8.42 0.59
C5 NAG L . -23.87 -8.71 -0.42
C6 NAG L . -22.50 -8.23 0.06
C7 NAG L . -28.18 -11.79 -0.80
C8 NAG L . -29.41 -11.98 -1.64
N2 NAG L . -27.46 -10.70 -1.09
O3 NAG L . -27.36 -8.71 1.01
O4 NAG L . -25.04 -7.02 0.87
O5 NAG L . -23.87 -10.10 -0.70
O6 NAG L . -21.48 -9.12 -0.42
O7 NAG L . -27.86 -12.57 0.08
C1 NAG M . -29.89 -9.64 8.33
C2 NAG M . -30.84 -9.47 7.14
C3 NAG M . -31.85 -8.39 7.51
C4 NAG M . -32.63 -8.92 8.72
C5 NAG M . -31.69 -9.29 9.86
C6 NAG M . -32.45 -10.02 10.96
C7 NAG M . -29.97 -10.12 4.96
C8 NAG M . -30.43 -11.51 5.28
N2 NAG M . -30.16 -9.18 5.90
O3 NAG M . -32.72 -8.12 6.44
O4 NAG M . -33.56 -7.96 9.15
O5 NAG M . -30.64 -10.14 9.42
O6 NAG M . -31.77 -9.91 12.18
O7 NAG M . -29.43 -9.90 3.87
C1 NAG N . -28.81 -8.22 21.88
C2 NAG N . -28.41 -7.50 20.59
C3 NAG N . -27.98 -6.05 20.86
C4 NAG N . -29.03 -5.34 21.71
C5 NAG N . -29.38 -6.17 22.95
C6 NAG N . -30.48 -5.49 23.74
C7 NAG N . -26.10 -7.90 19.85
C8 NAG N . -25.59 -7.44 18.50
N2 NAG N . -27.38 -8.26 19.90
O3 NAG N . -27.82 -5.34 19.65
O4 NAG N . -28.56 -4.06 22.11
O5 NAG N . -29.80 -7.46 22.55
O6 NAG N . -30.71 -6.22 24.94
O7 NAG N . -25.34 -7.93 20.82
C1 NAG O . -25.53 -36.56 3.14
C2 NAG O . -24.85 -37.68 2.37
C3 NAG O . -25.93 -38.59 1.79
C4 NAG O . -26.80 -39.11 2.93
C5 NAG O . -27.31 -37.96 3.80
C6 NAG O . -28.04 -38.50 5.03
C7 NAG O . -22.66 -37.37 1.39
C8 NAG O . -22.19 -38.69 1.93
N2 NAG O . -23.97 -37.17 1.33
O3 NAG O . -25.33 -39.67 1.11
O4 NAG O . -27.89 -39.84 2.41
O5 NAG O . -26.24 -37.13 4.22
O6 NAG O . -27.44 -37.99 6.20
O7 NAG O . -21.84 -36.53 1.01
C1 NAG P . -13.70 -5.15 28.95
C2 NAG P . -14.18 -5.51 30.36
C3 NAG P . -13.00 -5.53 31.34
C4 NAG P . -11.86 -6.36 30.78
C5 NAG P . -11.51 -5.90 29.37
C6 NAG P . -10.37 -6.72 28.78
C7 NAG P . -16.33 -4.97 31.35
C8 NAG P . -16.54 -4.58 32.79
N2 NAG P . -15.20 -4.57 30.79
O3 NAG P . -13.43 -6.06 32.57
O4 NAG P . -10.73 -6.25 31.62
O5 NAG P . -12.66 -6.02 28.56
O6 NAG P . -9.41 -5.85 28.24
O7 NAG P . -17.19 -5.63 30.76
#